data_2IP4
#
_entry.id   2IP4
#
_cell.length_a   72.308
_cell.length_b   98.068
_cell.length_c   121.142
_cell.angle_alpha   90.00
_cell.angle_beta   90.00
_cell.angle_gamma   90.00
#
_symmetry.space_group_name_H-M   'P 21 21 21'
#
loop_
_entity.id
_entity.type
_entity.pdbx_description
1 polymer 'Phosphoribosylamine--glycine ligase'
2 non-polymer 'SULFATE ION'
3 water water
#
_entity_poly.entity_id   1
_entity_poly.type   'polypeptide(L)'
_entity_poly.pdbx_seq_one_letter_code
;(MSE)KVLVVGSGGREHALLWKAAQSPRVKRLYAAPGNAG(MSE)EALAELVPWNGDVEALADWALAEGIDLTLVGPEAP
LVEGIADAFQARGLLLFGPTQKAA(MSE)IEGSKAFAKGL(MSE)ERYGIPTARYRVFREPLEALAYLEEVGVPVVVKDS
GLAAGKGVTVAFDLHQAKQAVANILNRAEGGEVVVEEYLEGEEATVLALTDGETILPLLPSQDHKRLLDGDQGP(MSE)T
GG(MSE)GAVAPYP(MSE)DEATLRRVEEEILGPLVRGLRAEGVVYRGVVYAGL(MSE)LTREGPKVLEFNARFGDPEAQ
ALLPLLENDLVELALRVAEGRLAGTRLSWKEGAAACVVLAAPGYPESPRKGIPLHVPEPPEGVLVFHAGTRREGGRLVSA
GGRVLNVVGLGRDLKEALERAYAYIPQVGFPGAVYRRDIGRRALARLST
;
_entity_poly.pdbx_strand_id   A,B
#
loop_
_chem_comp.id
_chem_comp.type
_chem_comp.name
_chem_comp.formula
SO4 non-polymer 'SULFATE ION' 'O4 S -2'
#
# COMPACT_ATOMS: atom_id res chain seq x y z
N MSE A 1 -25.24 -21.08 5.99
CA MSE A 1 -24.57 -19.78 6.19
C MSE A 1 -23.25 -19.71 5.41
O MSE A 1 -22.53 -20.70 5.29
CB MSE A 1 -24.31 -19.56 7.68
CG MSE A 1 -23.67 -18.24 8.02
SE MSE A 1 -23.50 -18.02 9.92
CE MSE A 1 -25.13 -17.03 10.26
N LYS A 2 -22.94 -18.52 4.88
CA LYS A 2 -21.71 -18.33 4.11
C LYS A 2 -20.66 -17.56 4.91
N VAL A 3 -19.48 -18.16 5.08
CA VAL A 3 -18.39 -17.52 5.80
C VAL A 3 -17.18 -17.27 4.92
N LEU A 4 -16.55 -16.12 5.13
CA LEU A 4 -15.36 -15.71 4.39
C LEU A 4 -14.14 -15.59 5.29
N VAL A 5 -13.07 -16.31 4.96
CA VAL A 5 -11.82 -16.21 5.71
C VAL A 5 -10.87 -15.45 4.77
N VAL A 6 -10.20 -14.42 5.28
CA VAL A 6 -9.27 -13.60 4.49
C VAL A 6 -7.80 -13.86 4.86
N GLY A 7 -7.01 -14.30 3.89
CA GLY A 7 -5.61 -14.60 4.14
C GLY A 7 -5.05 -15.59 3.13
N SER A 8 -3.80 -16.00 3.31
CA SER A 8 -3.21 -16.92 2.36
C SER A 8 -2.27 -17.92 2.99
N GLY A 9 -2.30 -18.00 4.32
CA GLY A 9 -1.42 -18.93 5.01
C GLY A 9 -2.08 -19.99 5.88
N GLY A 10 -1.26 -20.65 6.69
CA GLY A 10 -1.77 -21.70 7.56
C GLY A 10 -2.84 -21.22 8.52
N ARG A 11 -2.64 -20.04 9.10
CA ARG A 11 -3.60 -19.49 10.05
C ARG A 11 -4.99 -19.45 9.41
N GLU A 12 -5.04 -19.04 8.14
CA GLU A 12 -6.31 -18.94 7.45
C GLU A 12 -6.83 -20.33 7.16
N HIS A 13 -5.97 -21.19 6.63
CA HIS A 13 -6.40 -22.55 6.32
C HIS A 13 -6.91 -23.20 7.60
N ALA A 14 -6.27 -22.88 8.72
CA ALA A 14 -6.68 -23.42 10.00
C ALA A 14 -8.09 -22.90 10.34
N LEU A 15 -8.27 -21.59 10.25
CA LEU A 15 -9.56 -20.97 10.53
C LEU A 15 -10.61 -21.53 9.59
N LEU A 16 -10.24 -21.69 8.33
CA LEU A 16 -11.16 -22.21 7.32
C LEU A 16 -11.62 -23.62 7.70
N TRP A 17 -10.71 -24.38 8.30
CA TRP A 17 -10.94 -25.75 8.74
C TRP A 17 -11.82 -25.88 9.98
N LYS A 18 -11.65 -24.97 10.93
CA LYS A 18 -12.43 -24.97 12.16
C LYS A 18 -13.85 -24.47 11.89
N ALA A 19 -13.95 -23.49 10.98
CA ALA A 19 -15.24 -22.93 10.62
C ALA A 19 -16.13 -24.09 10.17
N ALA A 20 -15.61 -24.88 9.24
CA ALA A 20 -16.33 -26.03 8.72
C ALA A 20 -17.04 -26.85 9.79
N GLN A 21 -16.35 -27.13 10.88
CA GLN A 21 -16.93 -27.91 11.96
C GLN A 21 -18.29 -27.39 12.42
N SER A 22 -18.61 -26.16 12.06
CA SER A 22 -19.87 -25.56 12.44
C SER A 22 -21.00 -26.12 11.59
N PRO A 23 -22.16 -26.38 12.21
CA PRO A 23 -23.33 -26.92 11.51
C PRO A 23 -24.12 -25.79 10.83
N ARG A 24 -23.86 -24.56 11.24
CA ARG A 24 -24.52 -23.38 10.69
C ARG A 24 -23.96 -23.03 9.30
N VAL A 25 -22.67 -23.27 9.12
CA VAL A 25 -22.01 -22.96 7.86
C VAL A 25 -22.42 -23.89 6.71
N LYS A 26 -22.84 -23.29 5.60
CA LYS A 26 -23.21 -24.07 4.42
C LYS A 26 -22.04 -24.03 3.45
N ARG A 27 -21.59 -22.82 3.12
CA ARG A 27 -20.48 -22.64 2.18
C ARG A 27 -19.36 -21.77 2.75
N LEU A 28 -18.14 -22.05 2.31
CA LEU A 28 -16.97 -21.31 2.79
C LEU A 28 -16.19 -20.68 1.62
N TYR A 29 -15.58 -19.52 1.86
CA TYR A 29 -14.81 -18.83 0.83
C TYR A 29 -13.44 -18.33 1.30
N ALA A 30 -12.39 -18.70 0.56
CA ALA A 30 -11.04 -18.27 0.94
C ALA A 30 -10.48 -17.19 0.02
N ALA A 31 -10.26 -16.00 0.58
CA ALA A 31 -9.70 -14.87 -0.16
C ALA A 31 -8.36 -14.40 0.39
N PRO A 32 -7.27 -14.73 -0.31
CA PRO A 32 -7.29 -15.53 -1.54
C PRO A 32 -7.06 -17.00 -1.24
N GLY A 33 -6.72 -17.30 0.01
CA GLY A 33 -6.47 -18.68 0.38
C GLY A 33 -5.31 -19.28 -0.41
N ASN A 34 -5.33 -20.59 -0.61
CA ASN A 34 -4.28 -21.27 -1.34
C ASN A 34 -4.68 -22.68 -1.74
N ALA A 35 -3.83 -23.32 -2.55
CA ALA A 35 -4.07 -24.68 -3.04
C ALA A 35 -4.57 -25.65 -1.99
N GLY A 36 -4.18 -25.41 -0.74
CA GLY A 36 -4.60 -26.30 0.33
C GLY A 36 -6.02 -26.05 0.79
N MSE A 37 -6.42 -24.79 0.82
CA MSE A 37 -7.77 -24.42 1.26
C MSE A 37 -8.87 -24.76 0.23
O MSE A 37 -10.06 -24.71 0.57
CB MSE A 37 -7.80 -22.93 1.58
CG MSE A 37 -7.01 -22.55 2.83
SE MSE A 37 -6.82 -20.64 3.10
CE MSE A 37 -8.36 -20.32 4.22
N GLU A 38 -8.47 -25.13 -0.99
CA GLU A 38 -9.42 -25.48 -2.04
C GLU A 38 -10.32 -26.64 -1.65
N ALA A 39 -9.91 -27.40 -0.64
CA ALA A 39 -10.66 -28.55 -0.18
C ALA A 39 -11.72 -28.22 0.87
N LEU A 40 -11.85 -26.95 1.22
CA LEU A 40 -12.84 -26.53 2.21
C LEU A 40 -13.64 -25.31 1.76
N ALA A 41 -13.07 -24.55 0.82
CA ALA A 41 -13.72 -23.34 0.33
C ALA A 41 -13.41 -23.03 -1.12
N GLU A 42 -14.20 -22.13 -1.67
CA GLU A 42 -14.03 -21.71 -3.05
C GLU A 42 -13.06 -20.55 -3.00
N LEU A 43 -11.91 -20.72 -3.64
CA LEU A 43 -10.90 -19.68 -3.67
C LEU A 43 -11.36 -18.40 -4.37
N VAL A 44 -11.13 -17.26 -3.73
CA VAL A 44 -11.51 -15.95 -4.28
C VAL A 44 -10.20 -15.19 -4.57
N PRO A 45 -9.88 -14.98 -5.85
CA PRO A 45 -8.68 -14.30 -6.34
C PRO A 45 -8.59 -12.80 -6.02
N TRP A 46 -8.62 -12.51 -4.72
CA TRP A 46 -8.57 -11.14 -4.23
C TRP A 46 -7.30 -10.43 -4.65
N ASN A 47 -7.41 -9.12 -4.92
CA ASN A 47 -6.25 -8.35 -5.32
C ASN A 47 -5.76 -7.44 -4.19
N GLY A 48 -6.38 -7.57 -3.03
CA GLY A 48 -5.99 -6.78 -1.87
C GLY A 48 -6.84 -5.55 -1.67
N ASP A 49 -7.59 -5.19 -2.71
CA ASP A 49 -8.48 -4.02 -2.64
C ASP A 49 -9.53 -4.36 -1.61
N VAL A 50 -9.62 -3.55 -0.58
CA VAL A 50 -10.57 -3.77 0.49
C VAL A 50 -12.03 -3.56 0.09
N GLU A 51 -12.39 -2.37 -0.35
CA GLU A 51 -13.77 -2.11 -0.71
C GLU A 51 -14.25 -3.04 -1.83
N ALA A 52 -13.32 -3.47 -2.67
CA ALA A 52 -13.68 -4.36 -3.76
C ALA A 52 -14.22 -5.63 -3.13
N LEU A 53 -13.41 -6.22 -2.24
CA LEU A 53 -13.82 -7.45 -1.57
C LEU A 53 -15.17 -7.24 -0.90
N ALA A 54 -15.32 -6.14 -0.16
CA ALA A 54 -16.58 -5.85 0.50
C ALA A 54 -17.71 -6.03 -0.53
N ASP A 55 -17.68 -5.22 -1.57
CA ASP A 55 -18.70 -5.30 -2.59
C ASP A 55 -18.92 -6.73 -3.06
N TRP A 56 -17.85 -7.45 -3.35
CA TRP A 56 -17.99 -8.84 -3.79
C TRP A 56 -18.79 -9.65 -2.78
N ALA A 57 -18.38 -9.55 -1.53
CA ALA A 57 -19.03 -10.28 -0.45
C ALA A 57 -20.49 -9.90 -0.42
N LEU A 58 -20.77 -8.62 -0.54
CA LEU A 58 -22.15 -8.17 -0.53
C LEU A 58 -22.88 -8.93 -1.64
N ALA A 59 -22.35 -8.80 -2.86
CA ALA A 59 -22.95 -9.46 -4.00
C ALA A 59 -23.12 -10.96 -3.77
N GLU A 60 -22.06 -11.61 -3.29
CA GLU A 60 -22.08 -13.05 -3.05
C GLU A 60 -23.01 -13.51 -1.92
N GLY A 61 -23.36 -12.60 -1.02
CA GLY A 61 -24.24 -12.95 0.09
C GLY A 61 -23.51 -13.54 1.28
N ILE A 62 -22.31 -13.05 1.57
CA ILE A 62 -21.49 -13.50 2.68
C ILE A 62 -22.15 -13.05 3.99
N ASP A 63 -22.15 -13.92 5.00
CA ASP A 63 -22.77 -13.60 6.28
C ASP A 63 -21.80 -13.27 7.43
N LEU A 64 -20.59 -13.80 7.35
CA LEU A 64 -19.59 -13.51 8.37
C LEU A 64 -18.24 -13.68 7.74
N THR A 65 -17.38 -12.69 7.93
CA THR A 65 -16.04 -12.71 7.39
C THR A 65 -15.05 -12.68 8.54
N LEU A 66 -14.13 -13.64 8.53
CA LEU A 66 -13.09 -13.74 9.55
C LEU A 66 -11.76 -13.28 8.93
N VAL A 67 -11.18 -12.24 9.49
CA VAL A 67 -9.93 -11.72 8.94
C VAL A 67 -8.75 -12.34 9.63
N GLY A 68 -7.84 -12.90 8.83
CA GLY A 68 -6.65 -13.54 9.35
C GLY A 68 -5.45 -12.63 9.51
N PRO A 69 -4.82 -12.20 8.41
CA PRO A 69 -3.65 -11.30 8.48
C PRO A 69 -4.00 -9.95 9.08
N GLU A 70 -2.96 -9.17 9.35
CA GLU A 70 -3.08 -7.84 9.96
C GLU A 70 -3.37 -6.67 9.02
N ALA A 71 -2.59 -6.56 7.95
CA ALA A 71 -2.74 -5.46 7.00
C ALA A 71 -4.17 -5.10 6.59
N PRO A 72 -5.01 -6.10 6.30
CA PRO A 72 -6.39 -5.76 5.91
C PRO A 72 -7.09 -4.92 6.97
N LEU A 73 -6.75 -5.18 8.23
CA LEU A 73 -7.38 -4.45 9.33
C LEU A 73 -6.86 -3.00 9.43
N VAL A 74 -5.56 -2.82 9.30
CA VAL A 74 -5.03 -1.47 9.38
C VAL A 74 -5.43 -0.72 8.12
N GLU A 75 -5.78 -1.49 7.10
CA GLU A 75 -6.21 -0.91 5.84
C GLU A 75 -7.72 -0.69 5.81
N GLY A 76 -8.37 -0.95 6.94
CA GLY A 76 -9.80 -0.72 7.06
C GLY A 76 -10.82 -1.68 6.49
N ILE A 77 -10.46 -2.95 6.36
CA ILE A 77 -11.38 -3.96 5.83
C ILE A 77 -12.67 -3.96 6.64
N ALA A 78 -12.55 -3.95 7.96
CA ALA A 78 -13.75 -3.94 8.81
C ALA A 78 -14.56 -2.72 8.41
N ASP A 79 -13.90 -1.57 8.41
CA ASP A 79 -14.55 -0.33 8.04
C ASP A 79 -15.32 -0.45 6.73
N ALA A 80 -14.68 -0.99 5.72
CA ALA A 80 -15.33 -1.13 4.43
C ALA A 80 -16.53 -2.08 4.47
N PHE A 81 -16.41 -3.18 5.20
CA PHE A 81 -17.50 -4.14 5.28
C PHE A 81 -18.74 -3.60 6.00
N GLN A 82 -18.54 -2.99 7.16
CA GLN A 82 -19.65 -2.43 7.92
C GLN A 82 -20.45 -1.50 7.03
N ALA A 83 -19.74 -0.71 6.22
CA ALA A 83 -20.39 0.24 5.32
C ALA A 83 -21.36 -0.48 4.41
N ARG A 84 -21.02 -1.71 4.06
CA ARG A 84 -21.87 -2.53 3.20
C ARG A 84 -22.89 -3.28 4.05
N GLY A 85 -22.79 -3.15 5.37
CA GLY A 85 -23.71 -3.83 6.26
C GLY A 85 -23.36 -5.30 6.48
N LEU A 86 -22.07 -5.62 6.47
CA LEU A 86 -21.66 -7.00 6.66
C LEU A 86 -20.98 -7.28 7.99
N LEU A 87 -21.12 -8.52 8.47
CA LEU A 87 -20.51 -8.92 9.74
C LEU A 87 -19.08 -9.35 9.51
N LEU A 88 -18.15 -8.57 10.02
CA LEU A 88 -16.72 -8.85 9.87
C LEU A 88 -16.09 -9.00 11.25
N PHE A 89 -15.50 -10.16 11.51
CA PHE A 89 -14.83 -10.40 12.78
C PHE A 89 -13.49 -9.70 12.70
N GLY A 90 -13.32 -8.60 13.42
CA GLY A 90 -12.05 -7.88 13.37
C GLY A 90 -12.17 -6.42 13.70
N PRO A 91 -11.15 -5.83 14.33
CA PRO A 91 -11.21 -4.40 14.67
C PRO A 91 -11.20 -3.49 13.45
N THR A 92 -11.68 -2.26 13.63
CA THR A 92 -11.67 -1.32 12.54
C THR A 92 -10.29 -0.67 12.43
N GLN A 93 -10.01 -0.12 11.26
CA GLN A 93 -8.74 0.52 10.99
C GLN A 93 -8.24 1.34 12.16
N LYS A 94 -9.01 2.38 12.52
CA LYS A 94 -8.61 3.25 13.63
C LYS A 94 -8.32 2.50 14.91
N ALA A 95 -9.16 1.51 15.25
CA ALA A 95 -8.93 0.72 16.45
C ALA A 95 -7.64 -0.10 16.32
N ALA A 96 -7.50 -0.80 15.20
CA ALA A 96 -6.34 -1.63 14.95
C ALA A 96 -5.07 -0.82 14.98
N MSE A 97 -5.11 0.39 14.40
CA MSE A 97 -3.93 1.27 14.37
C MSE A 97 -3.53 1.74 15.76
O MSE A 97 -2.35 1.71 16.14
CB MSE A 97 -4.17 2.48 13.46
CG MSE A 97 -4.08 2.18 11.97
SE MSE A 97 -3.81 3.78 10.87
CE MSE A 97 -5.59 4.51 10.93
N ILE A 98 -4.51 2.16 16.54
CA ILE A 98 -4.21 2.62 17.89
C ILE A 98 -3.72 1.45 18.73
N GLU A 99 -4.44 0.35 18.71
CA GLU A 99 -4.11 -0.82 19.51
C GLU A 99 -2.74 -1.39 19.24
N GLY A 100 -2.19 -1.09 18.07
CA GLY A 100 -0.88 -1.63 17.72
C GLY A 100 0.27 -0.65 17.69
N SER A 101 0.02 0.61 17.98
CA SER A 101 1.11 1.56 17.95
C SER A 101 1.93 1.41 19.23
N LYS A 102 3.20 1.77 19.15
CA LYS A 102 4.06 1.70 20.32
C LYS A 102 3.67 2.91 21.17
N ALA A 103 3.31 3.99 20.49
CA ALA A 103 2.90 5.23 21.14
C ALA A 103 1.84 4.96 22.20
N PHE A 104 0.80 4.24 21.79
CA PHE A 104 -0.28 3.90 22.69
C PHE A 104 0.24 2.99 23.79
N ALA A 105 0.91 1.92 23.40
CA ALA A 105 1.47 0.95 24.34
C ALA A 105 2.16 1.68 25.47
N LYS A 106 2.76 2.84 25.15
CA LYS A 106 3.45 3.68 26.12
C LYS A 106 2.44 4.34 27.04
N GLY A 107 1.48 5.04 26.43
CA GLY A 107 0.45 5.72 27.18
C GLY A 107 -0.25 4.79 28.16
N LEU A 108 -0.18 3.49 27.90
CA LEU A 108 -0.80 2.53 28.80
C LEU A 108 0.14 2.26 29.96
N MSE A 109 1.44 2.13 29.66
CA MSE A 109 2.40 1.90 30.73
C MSE A 109 2.85 3.28 31.21
O MSE A 109 4.03 3.54 31.44
CB MSE A 109 3.58 1.05 30.23
CG MSE A 109 4.69 1.78 29.48
SE MSE A 109 6.28 1.98 30.59
CE MSE A 109 6.52 0.14 31.13
N GLU A 110 1.88 4.17 31.36
CA GLU A 110 2.11 5.52 31.81
C GLU A 110 0.83 6.04 32.46
N ARG A 111 -0.30 5.47 32.02
CA ARG A 111 -1.61 5.86 32.54
C ARG A 111 -2.32 4.68 33.20
N TYR A 112 -1.76 3.49 33.03
CA TYR A 112 -2.36 2.28 33.60
C TYR A 112 -1.29 1.41 34.24
N GLY A 113 -0.03 1.84 34.14
CA GLY A 113 1.05 1.07 34.73
C GLY A 113 1.28 -0.28 34.09
N ILE A 114 0.80 -0.43 32.87
CA ILE A 114 0.97 -1.67 32.11
C ILE A 114 2.42 -2.11 32.22
N PRO A 115 2.66 -3.33 32.72
CA PRO A 115 4.05 -3.77 32.82
C PRO A 115 4.63 -4.08 31.43
N THR A 116 5.47 -3.19 30.93
CA THR A 116 6.08 -3.40 29.61
C THR A 116 7.56 -3.06 29.61
N ALA A 117 8.24 -3.52 28.56
CA ALA A 117 9.67 -3.27 28.41
C ALA A 117 9.95 -1.78 28.58
N ARG A 118 10.82 -1.45 29.53
CA ARG A 118 11.18 -0.07 29.78
C ARG A 118 12.07 0.47 28.67
N TYR A 119 11.53 1.33 27.82
CA TYR A 119 12.31 1.92 26.74
C TYR A 119 12.06 3.41 26.66
N ARG A 120 12.76 4.06 25.74
CA ARG A 120 12.63 5.50 25.52
C ARG A 120 13.27 5.85 24.19
N VAL A 121 12.93 7.01 23.65
CA VAL A 121 13.47 7.42 22.36
C VAL A 121 14.26 8.73 22.46
N PHE A 122 15.19 8.92 21.53
CA PHE A 122 16.05 10.09 21.50
C PHE A 122 16.42 10.46 20.06
N ARG A 123 16.91 11.68 19.89
CA ARG A 123 17.37 12.19 18.59
C ARG A 123 18.76 12.77 18.80
N GLU A 124 19.02 13.22 20.03
CA GLU A 124 20.29 13.80 20.42
C GLU A 124 21.02 12.81 21.34
N PRO A 125 22.30 12.56 21.05
CA PRO A 125 23.21 11.67 21.76
C PRO A 125 23.35 11.86 23.26
N LEU A 126 23.88 13.00 23.68
CA LEU A 126 24.07 13.25 25.10
C LEU A 126 22.90 12.79 25.95
N GLU A 127 21.70 12.82 25.36
CA GLU A 127 20.49 12.38 26.05
C GLU A 127 20.50 10.86 26.24
N ALA A 128 20.50 10.16 25.11
CA ALA A 128 20.52 8.71 25.05
C ALA A 128 21.72 8.05 25.73
N LEU A 129 22.70 8.84 26.14
CA LEU A 129 23.88 8.28 26.81
C LEU A 129 23.67 8.24 28.31
N ALA A 130 22.88 9.16 28.82
CA ALA A 130 22.61 9.21 30.24
C ALA A 130 21.48 8.25 30.58
N TYR A 131 20.86 7.70 29.54
CA TYR A 131 19.75 6.75 29.69
C TYR A 131 20.32 5.32 29.81
N LEU A 132 21.37 5.05 29.05
CA LEU A 132 22.00 3.74 29.08
C LEU A 132 22.51 3.42 30.47
N GLU A 133 23.25 4.35 31.05
CA GLU A 133 23.80 4.15 32.38
C GLU A 133 22.66 3.77 33.32
N GLU A 134 21.45 4.21 32.96
CA GLU A 134 20.24 3.95 33.74
C GLU A 134 19.71 2.51 33.60
N VAL A 135 19.44 2.09 32.37
CA VAL A 135 18.93 0.75 32.13
C VAL A 135 19.97 -0.31 32.42
N GLY A 136 21.11 -0.22 31.74
CA GLY A 136 22.19 -1.19 31.94
C GLY A 136 22.52 -1.97 30.68
N VAL A 137 23.16 -3.12 30.86
CA VAL A 137 23.53 -3.99 29.74
C VAL A 137 23.31 -5.46 30.08
N PRO A 138 22.85 -6.26 29.13
CA PRO A 138 22.54 -5.91 27.73
C PRO A 138 21.50 -4.81 27.59
N VAL A 139 21.45 -4.22 26.40
CA VAL A 139 20.53 -3.16 26.07
C VAL A 139 20.38 -3.17 24.55
N VAL A 140 19.18 -2.90 24.04
CA VAL A 140 18.94 -2.90 22.60
C VAL A 140 18.94 -1.52 21.96
N VAL A 141 19.72 -1.36 20.89
CA VAL A 141 19.79 -0.08 20.19
C VAL A 141 19.30 -0.26 18.75
N LYS A 142 18.08 0.18 18.50
CA LYS A 142 17.46 0.07 17.19
C LYS A 142 17.40 1.41 16.46
N ASP A 143 17.70 1.39 15.16
CA ASP A 143 17.67 2.60 14.35
C ASP A 143 16.21 2.95 14.09
N SER A 144 15.64 3.80 14.94
CA SER A 144 14.23 4.21 14.82
C SER A 144 13.83 4.62 13.41
N GLY A 145 14.68 5.41 12.76
CA GLY A 145 14.38 5.84 11.39
C GLY A 145 14.42 4.66 10.44
N LEU A 146 14.30 3.46 10.99
CA LEU A 146 14.31 2.24 10.20
C LEU A 146 13.27 1.30 10.81
N ALA A 147 12.03 1.78 10.82
CA ALA A 147 10.88 1.05 11.37
C ALA A 147 10.98 -0.47 11.38
N ALA A 148 11.65 -1.05 10.37
CA ALA A 148 11.82 -2.49 10.28
C ALA A 148 12.88 -3.03 11.23
N GLY A 149 12.79 -4.32 11.54
CA GLY A 149 13.73 -4.95 12.43
C GLY A 149 15.23 -4.77 12.17
N LYS A 150 15.61 -4.35 10.97
CA LYS A 150 17.03 -4.14 10.64
C LYS A 150 17.65 -2.97 11.40
N GLY A 151 18.96 -3.04 11.64
CA GLY A 151 19.66 -1.98 12.36
C GLY A 151 19.72 -2.19 13.86
N VAL A 152 18.93 -3.13 14.35
CA VAL A 152 18.87 -3.46 15.77
C VAL A 152 20.18 -4.06 16.28
N THR A 153 20.55 -3.68 17.49
CA THR A 153 21.76 -4.19 18.10
C THR A 153 21.49 -4.53 19.54
N VAL A 154 21.90 -5.73 19.94
CA VAL A 154 21.74 -6.19 21.30
C VAL A 154 23.13 -6.09 21.91
N ALA A 155 23.43 -4.93 22.47
CA ALA A 155 24.74 -4.64 23.04
C ALA A 155 25.00 -5.30 24.39
N PHE A 156 26.24 -5.74 24.57
CA PHE A 156 26.68 -6.37 25.82
C PHE A 156 27.69 -5.41 26.44
N ASP A 157 27.84 -4.25 25.80
CA ASP A 157 28.78 -3.22 26.19
C ASP A 157 28.17 -1.84 26.31
N LEU A 158 28.69 -1.02 27.22
CA LEU A 158 28.24 0.36 27.32
C LEU A 158 29.14 0.91 26.21
N HIS A 159 30.23 0.19 26.02
CA HIS A 159 31.24 0.47 25.00
C HIS A 159 30.53 0.41 23.65
N GLN A 160 30.04 -0.79 23.30
CA GLN A 160 29.36 -1.02 22.01
C GLN A 160 27.96 -0.39 21.90
N ALA A 161 27.32 -0.14 23.05
CA ALA A 161 25.99 0.46 23.04
C ALA A 161 26.13 1.88 22.47
N LYS A 162 27.06 2.64 23.01
CA LYS A 162 27.31 4.01 22.55
C LYS A 162 27.65 3.98 21.07
N GLN A 163 28.66 3.19 20.71
CA GLN A 163 29.04 3.09 19.32
C GLN A 163 27.79 2.80 18.46
N ALA A 164 26.76 2.26 19.09
CA ALA A 164 25.53 1.94 18.37
C ALA A 164 24.69 3.19 18.11
N VAL A 165 24.41 3.93 19.19
CA VAL A 165 23.64 5.15 19.07
C VAL A 165 24.41 6.17 18.23
N ALA A 166 25.62 6.50 18.67
CA ALA A 166 26.45 7.44 17.94
C ALA A 166 26.50 7.15 16.44
N ASN A 167 26.51 5.88 16.08
CA ASN A 167 26.58 5.52 14.68
C ASN A 167 25.42 6.13 13.92
N ILE A 168 24.21 5.87 14.41
CA ILE A 168 22.99 6.37 13.78
C ILE A 168 22.90 7.88 13.73
N LEU A 169 23.24 8.55 14.83
CA LEU A 169 23.18 9.99 14.92
C LEU A 169 24.41 10.70 14.35
N ASN A 170 25.03 10.07 13.36
CA ASN A 170 26.22 10.61 12.70
C ASN A 170 26.41 9.97 11.33
N ARG A 171 25.30 9.57 10.72
CA ARG A 171 25.30 8.93 9.40
C ARG A 171 25.32 9.98 8.29
N ALA A 172 25.20 11.24 8.69
CA ALA A 172 25.21 12.42 7.80
C ALA A 172 24.32 13.50 8.41
N GLU A 173 23.08 13.14 8.73
CA GLU A 173 22.13 14.07 9.33
C GLU A 173 20.86 13.33 9.73
N GLY A 174 20.87 12.01 9.52
CA GLY A 174 19.74 11.15 9.85
C GLY A 174 18.80 11.62 10.95
N GLY A 175 18.71 10.85 12.03
CA GLY A 175 17.82 11.24 13.11
C GLY A 175 17.63 10.37 14.35
N GLU A 176 16.44 9.80 14.47
CA GLU A 176 16.05 8.97 15.63
C GLU A 176 16.79 7.68 15.95
N VAL A 177 16.65 7.27 17.21
CA VAL A 177 17.26 6.07 17.76
C VAL A 177 16.51 5.63 19.02
N VAL A 178 16.22 4.33 19.13
CA VAL A 178 15.52 3.82 20.29
C VAL A 178 16.37 2.93 21.18
N VAL A 179 16.27 3.19 22.49
CA VAL A 179 17.01 2.47 23.51
C VAL A 179 16.05 1.72 24.44
N GLU A 180 15.95 0.41 24.28
CA GLU A 180 15.05 -0.36 25.13
C GLU A 180 15.70 -1.43 25.99
N GLU A 181 15.29 -1.46 27.25
CA GLU A 181 15.78 -2.42 28.22
C GLU A 181 15.60 -3.85 27.72
N TYR A 182 16.65 -4.65 27.86
CA TYR A 182 16.64 -6.05 27.47
C TYR A 182 16.18 -6.88 28.66
N LEU A 183 15.08 -7.61 28.48
CA LEU A 183 14.50 -8.41 29.56
C LEU A 183 14.90 -9.89 29.51
N GLU A 184 15.25 -10.44 30.68
CA GLU A 184 15.61 -11.84 30.78
C GLU A 184 14.35 -12.64 31.04
N GLY A 185 14.23 -13.79 30.38
CA GLY A 185 13.06 -14.62 30.58
C GLY A 185 12.50 -15.17 29.29
N GLU A 186 11.82 -16.31 29.39
CA GLU A 186 11.23 -16.91 28.20
C GLU A 186 10.08 -16.04 27.67
N GLU A 187 9.99 -16.00 26.34
CA GLU A 187 8.95 -15.23 25.66
C GLU A 187 7.78 -16.14 25.49
N ALA A 188 6.58 -15.57 25.60
CA ALA A 188 5.38 -16.35 25.45
C ALA A 188 4.32 -15.49 24.79
N THR A 189 3.25 -16.16 24.35
CA THR A 189 2.18 -15.47 23.67
C THR A 189 0.87 -15.69 24.38
N VAL A 190 0.12 -14.60 24.58
CA VAL A 190 -1.18 -14.71 25.21
C VAL A 190 -2.25 -14.12 24.31
N LEU A 191 -2.80 -14.95 23.42
CA LEU A 191 -3.86 -14.48 22.53
C LEU A 191 -5.14 -14.31 23.35
N ALA A 192 -5.97 -13.35 23.00
CA ALA A 192 -7.22 -13.11 23.72
C ALA A 192 -8.33 -12.67 22.76
N LEU A 193 -9.58 -12.73 23.24
CA LEU A 193 -10.73 -12.33 22.46
C LEU A 193 -11.37 -11.12 23.14
N THR A 194 -12.02 -10.26 22.38
CA THR A 194 -12.63 -9.07 22.96
C THR A 194 -13.65 -8.36 22.07
N ASP A 195 -14.69 -7.81 22.69
CA ASP A 195 -15.75 -7.09 21.98
C ASP A 195 -15.84 -5.67 22.50
N GLY A 196 -14.85 -5.24 23.28
CA GLY A 196 -14.88 -3.89 23.81
C GLY A 196 -15.03 -3.86 25.32
N GLU A 197 -15.91 -4.71 25.84
CA GLU A 197 -16.16 -4.79 27.28
C GLU A 197 -15.43 -5.97 27.90
N THR A 198 -15.69 -7.16 27.37
CA THR A 198 -15.10 -8.39 27.87
C THR A 198 -13.86 -8.86 27.09
N ILE A 199 -12.87 -9.40 27.80
CA ILE A 199 -11.68 -9.91 27.15
C ILE A 199 -11.44 -11.33 27.65
N LEU A 200 -11.56 -12.30 26.75
CA LEU A 200 -11.35 -13.69 27.12
C LEU A 200 -10.06 -14.21 26.53
N PRO A 201 -9.09 -14.55 27.40
CA PRO A 201 -7.83 -15.07 26.88
C PRO A 201 -7.97 -16.53 26.48
N LEU A 202 -7.26 -16.91 25.44
CA LEU A 202 -7.28 -18.29 24.98
C LEU A 202 -6.11 -18.96 25.71
N LEU A 203 -5.86 -20.22 25.39
CA LEU A 203 -4.76 -20.92 26.04
C LEU A 203 -3.45 -20.26 25.65
N PRO A 204 -2.60 -19.96 26.63
CA PRO A 204 -1.31 -19.34 26.33
C PRO A 204 -0.49 -20.24 25.39
N SER A 205 0.22 -19.63 24.45
CA SER A 205 1.02 -20.39 23.50
C SER A 205 2.43 -19.85 23.46
N GLN A 206 3.30 -20.48 22.67
CA GLN A 206 4.68 -20.02 22.55
C GLN A 206 5.17 -20.14 21.12
N ASP A 207 5.51 -19.00 20.52
CA ASP A 207 6.00 -18.96 19.15
C ASP A 207 7.52 -19.12 19.14
N HIS A 208 8.06 -19.50 17.99
CA HIS A 208 9.50 -19.68 17.81
C HIS A 208 9.90 -18.73 16.69
N LYS A 209 10.01 -17.45 17.05
CA LYS A 209 10.35 -16.39 16.12
C LYS A 209 11.58 -16.65 15.28
N ARG A 210 12.59 -17.25 15.88
CA ARG A 210 13.85 -17.51 15.20
C ARG A 210 13.86 -18.60 14.14
N LEU A 211 14.50 -18.28 13.01
CA LEU A 211 14.61 -19.18 11.86
C LEU A 211 15.39 -20.46 12.10
N LEU A 212 16.41 -20.41 12.95
CA LEU A 212 17.23 -21.60 13.20
C LEU A 212 17.14 -22.16 14.61
N ASP A 213 17.40 -23.47 14.71
CA ASP A 213 17.39 -24.16 16.00
C ASP A 213 18.31 -23.40 16.95
N GLY A 214 17.86 -23.23 18.18
CA GLY A 214 18.67 -22.50 19.14
C GLY A 214 18.22 -21.07 19.20
N ASP A 215 17.02 -20.82 18.68
CA ASP A 215 16.47 -19.47 18.67
C ASP A 215 17.61 -18.63 18.13
N GLN A 216 18.13 -19.10 16.98
CA GLN A 216 19.25 -18.47 16.29
C GLN A 216 18.83 -18.04 14.90
N GLY A 217 19.71 -17.31 14.25
CA GLY A 217 19.40 -16.86 12.91
C GLY A 217 18.49 -15.65 12.87
N PRO A 218 18.14 -15.19 11.66
CA PRO A 218 17.27 -14.04 11.46
C PRO A 218 15.87 -14.20 12.05
N MSE A 219 15.27 -13.08 12.46
CA MSE A 219 13.93 -13.09 13.00
C MSE A 219 12.96 -13.43 11.85
O MSE A 219 13.13 -12.95 10.72
CB MSE A 219 13.59 -11.71 13.58
CG MSE A 219 12.28 -11.65 14.32
SE MSE A 219 11.97 -9.89 15.05
CE MSE A 219 13.10 -10.00 16.61
N THR A 220 11.98 -14.29 12.11
CA THR A 220 11.02 -14.64 11.08
C THR A 220 9.64 -14.39 11.64
N GLY A 221 8.64 -14.75 10.85
CA GLY A 221 7.27 -14.56 11.27
C GLY A 221 6.73 -15.74 12.05
N GLY A 222 7.62 -16.62 12.49
CA GLY A 222 7.20 -17.77 13.26
C GLY A 222 7.49 -19.13 12.64
N MSE A 223 8.53 -19.78 13.13
CA MSE A 223 8.91 -21.08 12.64
C MSE A 223 8.12 -22.19 13.31
O MSE A 223 8.23 -23.36 12.94
CB MSE A 223 10.41 -21.29 12.83
CG MSE A 223 11.24 -20.53 11.82
SE MSE A 223 10.75 -21.05 10.03
CE MSE A 223 11.71 -22.72 9.92
N GLY A 224 7.30 -21.85 14.29
CA GLY A 224 6.52 -22.89 14.93
C GLY A 224 5.82 -22.44 16.19
N ALA A 225 4.89 -23.27 16.67
CA ALA A 225 4.17 -22.93 17.86
C ALA A 225 3.62 -24.17 18.55
N VAL A 226 3.54 -24.11 19.88
CA VAL A 226 3.01 -25.22 20.65
C VAL A 226 1.98 -24.60 21.59
N ALA A 227 1.00 -25.42 21.96
CA ALA A 227 -0.05 -24.97 22.86
C ALA A 227 -0.67 -26.17 23.59
N PRO A 228 -1.00 -25.99 24.88
CA PRO A 228 -0.83 -24.76 25.66
C PRO A 228 0.57 -24.65 26.23
N TYR A 229 1.07 -23.44 26.35
CA TYR A 229 2.40 -23.23 26.90
C TYR A 229 2.30 -23.23 28.42
N PRO A 230 2.98 -24.19 29.08
CA PRO A 230 3.01 -24.34 30.53
C PRO A 230 3.23 -23.02 31.26
N MSE A 231 2.14 -22.44 31.75
CA MSE A 231 2.21 -21.18 32.47
C MSE A 231 1.45 -21.19 33.78
O MSE A 231 0.28 -21.59 33.84
CB MSE A 231 1.69 -20.06 31.57
CG MSE A 231 1.74 -18.68 32.20
SE MSE A 231 1.09 -17.38 30.96
CE MSE A 231 2.67 -17.19 29.88
N ASP A 232 2.11 -20.77 34.86
CA ASP A 232 1.50 -20.72 36.18
C ASP A 232 0.18 -19.95 36.11
N GLU A 233 -0.82 -20.43 36.84
CA GLU A 233 -2.14 -19.78 36.83
C GLU A 233 -2.13 -18.39 37.42
N ALA A 234 -1.19 -18.10 38.30
CA ALA A 234 -1.12 -16.79 38.92
C ALA A 234 -0.52 -15.82 37.92
N THR A 235 0.29 -16.35 37.02
CA THR A 235 0.92 -15.54 35.98
C THR A 235 -0.09 -15.19 34.90
N LEU A 236 -0.89 -16.17 34.52
CA LEU A 236 -1.92 -15.97 33.50
C LEU A 236 -2.98 -15.01 34.06
N ARG A 237 -3.16 -15.05 35.38
CA ARG A 237 -4.12 -14.19 36.07
C ARG A 237 -3.51 -12.80 36.20
N ARG A 238 -2.18 -12.77 36.30
CA ARG A 238 -1.45 -11.52 36.42
C ARG A 238 -1.59 -10.82 35.07
N VAL A 239 -1.38 -11.59 34.00
CA VAL A 239 -1.45 -11.12 32.62
C VAL A 239 -2.80 -10.50 32.22
N GLU A 240 -3.90 -11.03 32.75
CA GLU A 240 -5.21 -10.51 32.39
C GLU A 240 -5.69 -9.41 33.35
N GLU A 241 -5.01 -9.29 34.49
CA GLU A 241 -5.39 -8.26 35.44
C GLU A 241 -4.48 -7.05 35.29
N GLU A 242 -3.28 -7.27 34.76
CA GLU A 242 -2.31 -6.18 34.60
C GLU A 242 -2.11 -5.76 33.13
N ILE A 243 -2.25 -6.72 32.22
CA ILE A 243 -2.08 -6.47 30.79
C ILE A 243 -3.41 -6.38 30.03
N LEU A 244 -4.14 -7.49 29.98
CA LEU A 244 -5.40 -7.49 29.24
C LEU A 244 -6.43 -6.47 29.71
N GLY A 245 -6.91 -6.64 30.94
CA GLY A 245 -7.89 -5.74 31.47
C GLY A 245 -7.65 -4.28 31.13
N PRO A 246 -6.50 -3.73 31.51
CA PRO A 246 -6.24 -2.33 31.19
C PRO A 246 -6.18 -1.99 29.70
N LEU A 247 -5.76 -2.93 28.88
CA LEU A 247 -5.69 -2.65 27.45
C LEU A 247 -7.07 -2.20 27.02
N VAL A 248 -8.07 -2.97 27.39
CA VAL A 248 -9.45 -2.66 27.04
C VAL A 248 -9.81 -1.29 27.59
N ARG A 249 -9.57 -1.09 28.87
CA ARG A 249 -9.86 0.17 29.54
C ARG A 249 -9.21 1.37 28.82
N GLY A 250 -7.99 1.18 28.35
CA GLY A 250 -7.28 2.25 27.66
C GLY A 250 -7.63 2.40 26.19
N LEU A 251 -8.24 1.36 25.65
CA LEU A 251 -8.64 1.32 24.24
C LEU A 251 -9.95 2.06 24.04
N ARG A 252 -10.78 2.05 25.07
CA ARG A 252 -12.09 2.70 25.03
C ARG A 252 -11.89 4.18 25.33
N ALA A 253 -10.78 4.50 25.99
CA ALA A 253 -10.46 5.87 26.35
C ALA A 253 -10.16 6.67 25.09
N GLU A 254 -9.45 6.05 24.17
CA GLU A 254 -9.09 6.68 22.92
C GLU A 254 -10.31 6.83 22.02
N GLY A 255 -11.47 6.42 22.53
CA GLY A 255 -12.71 6.55 21.79
C GLY A 255 -12.96 5.58 20.66
N VAL A 256 -12.64 4.31 20.85
CA VAL A 256 -12.87 3.32 19.81
C VAL A 256 -13.39 2.02 20.39
N VAL A 257 -14.14 1.27 19.57
CA VAL A 257 -14.70 -0.01 19.96
C VAL A 257 -13.91 -1.14 19.28
N TYR A 258 -12.96 -1.69 20.00
CA TYR A 258 -12.10 -2.76 19.49
C TYR A 258 -12.77 -4.13 19.63
N ARG A 259 -13.13 -4.75 18.51
CA ARG A 259 -13.75 -6.08 18.53
C ARG A 259 -12.98 -7.06 17.64
N GLY A 260 -12.35 -8.05 18.26
CA GLY A 260 -11.59 -9.03 17.52
C GLY A 260 -10.50 -9.67 18.36
N VAL A 261 -9.51 -10.26 17.71
CA VAL A 261 -8.39 -10.91 18.38
C VAL A 261 -7.38 -9.90 18.92
N VAL A 262 -6.78 -10.22 20.06
CA VAL A 262 -5.75 -9.36 20.64
C VAL A 262 -4.52 -10.21 20.89
N TYR A 263 -3.46 -9.95 20.13
CA TYR A 263 -2.23 -10.69 20.29
C TYR A 263 -1.34 -9.93 21.25
N ALA A 264 -0.99 -10.60 22.34
CA ALA A 264 -0.13 -10.00 23.34
C ALA A 264 1.17 -10.77 23.45
N GLY A 265 2.19 -10.27 22.76
CA GLY A 265 3.48 -10.93 22.81
C GLY A 265 4.14 -10.48 24.09
N LEU A 266 4.85 -11.35 24.77
CA LEU A 266 5.46 -10.93 26.00
C LEU A 266 6.58 -11.79 26.54
N MSE A 267 7.35 -11.18 27.44
CA MSE A 267 8.48 -11.83 28.11
C MSE A 267 8.04 -12.13 29.53
O MSE A 267 7.35 -11.34 30.14
CB MSE A 267 9.70 -10.89 28.15
CG MSE A 267 10.48 -10.73 26.85
SE MSE A 267 11.87 -12.06 26.56
CE MSE A 267 11.74 -12.24 24.65
N LEU A 268 8.45 -13.28 30.03
CA LEU A 268 8.10 -13.66 31.37
C LEU A 268 9.34 -13.47 32.24
N THR A 269 9.34 -12.41 33.04
CA THR A 269 10.48 -12.09 33.89
C THR A 269 10.22 -12.39 35.37
N ARG A 270 11.27 -12.30 36.18
CA ARG A 270 11.16 -12.55 37.61
C ARG A 270 10.32 -11.43 38.20
N GLU A 271 10.41 -10.27 37.57
CA GLU A 271 9.66 -9.10 37.99
C GLU A 271 8.20 -9.33 37.65
N GLY A 272 7.99 -10.21 36.66
CA GLY A 272 6.64 -10.53 36.23
C GLY A 272 6.56 -10.60 34.72
N PRO A 273 5.36 -10.74 34.16
CA PRO A 273 5.26 -10.81 32.70
C PRO A 273 5.27 -9.40 32.15
N LYS A 274 5.88 -9.21 31.00
CA LYS A 274 5.95 -7.88 30.42
C LYS A 274 5.60 -7.89 28.94
N VAL A 275 4.65 -7.05 28.54
CA VAL A 275 4.25 -6.97 27.15
C VAL A 275 5.42 -6.51 26.30
N LEU A 276 5.57 -7.11 25.14
CA LEU A 276 6.63 -6.71 24.23
C LEU A 276 5.98 -5.97 23.08
N GLU A 277 4.87 -6.52 22.59
CA GLU A 277 4.12 -5.92 21.50
C GLU A 277 2.68 -6.40 21.44
N PHE A 278 1.79 -5.52 21.03
CA PHE A 278 0.38 -5.82 20.88
C PHE A 278 0.06 -5.95 19.38
N ASN A 279 -0.84 -6.86 19.03
CA ASN A 279 -1.25 -7.06 17.64
C ASN A 279 -2.76 -7.27 17.59
N ALA A 280 -3.37 -7.12 16.43
CA ALA A 280 -4.82 -7.24 16.32
C ALA A 280 -5.37 -8.46 15.59
N ARG A 281 -4.72 -9.60 15.75
CA ARG A 281 -5.17 -10.79 15.07
C ARG A 281 -4.44 -12.03 15.55
N PHE A 282 -5.02 -13.21 15.29
CA PHE A 282 -4.37 -14.44 15.68
C PHE A 282 -3.02 -14.45 14.99
N GLY A 283 -1.98 -14.77 15.73
CA GLY A 283 -0.67 -14.80 15.12
C GLY A 283 -0.51 -16.09 14.34
N ASP A 284 0.49 -16.14 13.47
CA ASP A 284 0.78 -17.33 12.67
C ASP A 284 2.20 -17.72 13.02
N PRO A 285 2.44 -19.00 13.34
CA PRO A 285 1.49 -20.10 13.40
C PRO A 285 0.75 -20.28 14.72
N GLU A 286 0.64 -19.22 15.51
CA GLU A 286 -0.07 -19.31 16.78
C GLU A 286 -1.41 -20.01 16.58
N ALA A 287 -2.22 -19.47 15.67
CA ALA A 287 -3.54 -20.00 15.36
C ALA A 287 -3.58 -21.51 15.12
N GLN A 288 -2.67 -22.00 14.27
CA GLN A 288 -2.61 -23.41 13.92
C GLN A 288 -2.43 -24.36 15.09
N ALA A 289 -1.92 -23.87 16.21
CA ALA A 289 -1.73 -24.73 17.38
C ALA A 289 -2.92 -24.69 18.35
N LEU A 290 -3.63 -23.58 18.39
CA LEU A 290 -4.77 -23.41 19.29
C LEU A 290 -6.12 -23.91 18.76
N LEU A 291 -6.47 -23.49 17.55
CA LEU A 291 -7.74 -23.87 16.93
C LEU A 291 -8.08 -25.35 16.96
N PRO A 292 -7.09 -26.24 16.97
CA PRO A 292 -7.59 -27.62 17.02
C PRO A 292 -8.00 -27.98 18.47
N LEU A 293 -7.45 -27.25 19.43
CA LEU A 293 -7.76 -27.49 20.84
C LEU A 293 -9.04 -26.76 21.29
N LEU A 294 -9.52 -25.81 20.48
CA LEU A 294 -10.71 -25.04 20.82
C LEU A 294 -12.04 -25.79 20.63
N GLU A 295 -12.86 -25.80 21.67
CA GLU A 295 -14.14 -26.51 21.65
C GLU A 295 -15.29 -25.71 21.03
N ASN A 296 -15.37 -24.43 21.37
CA ASN A 296 -16.43 -23.56 20.88
C ASN A 296 -16.59 -23.63 19.37
N ASP A 297 -17.79 -23.31 18.90
CA ASP A 297 -18.07 -23.26 17.48
C ASP A 297 -17.48 -21.91 17.09
N LEU A 298 -16.48 -21.92 16.21
CA LEU A 298 -15.82 -20.70 15.78
C LEU A 298 -16.76 -19.63 15.22
N VAL A 299 -17.77 -20.05 14.47
CA VAL A 299 -18.71 -19.11 13.91
C VAL A 299 -19.49 -18.45 15.04
N GLU A 300 -20.03 -19.28 15.92
CA GLU A 300 -20.78 -18.80 17.06
C GLU A 300 -19.90 -17.88 17.89
N LEU A 301 -18.65 -18.27 18.11
CA LEU A 301 -17.76 -17.45 18.91
C LEU A 301 -17.54 -16.11 18.24
N ALA A 302 -17.21 -16.15 16.96
CA ALA A 302 -16.96 -14.93 16.18
C ALA A 302 -18.11 -13.94 16.32
N LEU A 303 -19.32 -14.42 16.03
CA LEU A 303 -20.50 -13.59 16.12
C LEU A 303 -20.59 -12.83 17.42
N ARG A 304 -20.34 -13.53 18.54
CA ARG A 304 -20.41 -12.89 19.84
C ARG A 304 -19.49 -11.68 19.86
N VAL A 305 -18.25 -11.89 19.47
CA VAL A 305 -17.27 -10.81 19.45
C VAL A 305 -17.72 -9.60 18.62
N ALA A 306 -18.14 -9.84 17.40
CA ALA A 306 -18.58 -8.79 16.49
C ALA A 306 -19.88 -8.10 16.91
N GLU A 307 -20.74 -8.83 17.62
CA GLU A 307 -21.99 -8.26 18.06
C GLU A 307 -21.88 -7.74 19.50
N GLY A 308 -20.77 -8.05 20.16
CA GLY A 308 -20.56 -7.58 21.51
C GLY A 308 -21.32 -8.34 22.57
N ARG A 309 -21.27 -9.67 22.49
CA ARG A 309 -21.96 -10.53 23.44
C ARG A 309 -20.98 -11.57 23.96
N LEU A 310 -19.73 -11.16 24.12
CA LEU A 310 -18.71 -12.10 24.57
C LEU A 310 -18.86 -12.49 26.04
N ALA A 311 -19.40 -11.58 26.83
CA ALA A 311 -19.59 -11.83 28.26
C ALA A 311 -20.45 -13.05 28.56
N GLY A 312 -21.24 -13.48 27.59
CA GLY A 312 -22.08 -14.63 27.80
C GLY A 312 -21.50 -15.92 27.26
N THR A 313 -20.18 -16.08 27.30
CA THR A 313 -19.55 -17.30 26.80
C THR A 313 -18.39 -17.77 27.66
N ARG A 314 -17.90 -18.98 27.38
CA ARG A 314 -16.79 -19.56 28.12
C ARG A 314 -15.98 -20.50 27.21
N LEU A 315 -14.77 -20.08 26.84
CA LEU A 315 -13.91 -20.89 25.98
C LEU A 315 -13.64 -22.24 26.63
N SER A 316 -13.83 -23.30 25.85
CA SER A 316 -13.60 -24.64 26.36
C SER A 316 -12.54 -25.26 25.46
N TRP A 317 -11.63 -26.03 26.03
CA TRP A 317 -10.58 -26.64 25.24
C TRP A 317 -10.52 -28.16 25.44
N LYS A 318 -9.82 -28.86 24.56
CA LYS A 318 -9.68 -30.31 24.68
C LYS A 318 -8.71 -30.63 25.80
N GLU A 319 -8.59 -31.92 26.14
CA GLU A 319 -7.68 -32.35 27.20
C GLU A 319 -6.35 -32.82 26.64
N GLY A 320 -5.61 -31.93 25.98
CA GLY A 320 -4.32 -32.30 25.42
C GLY A 320 -3.43 -31.15 24.96
N ALA A 321 -2.71 -31.39 23.85
CA ALA A 321 -1.81 -30.38 23.31
C ALA A 321 -1.64 -30.48 21.80
N ALA A 322 -1.14 -29.41 21.21
CA ALA A 322 -0.90 -29.31 19.78
C ALA A 322 0.42 -28.59 19.50
N ALA A 323 1.17 -29.08 18.53
CA ALA A 323 2.43 -28.47 18.17
C ALA A 323 2.53 -28.31 16.66
N CYS A 324 2.64 -27.07 16.20
CA CYS A 324 2.73 -26.77 14.77
C CYS A 324 4.20 -26.56 14.40
N VAL A 325 4.62 -27.14 13.29
CA VAL A 325 5.99 -27.00 12.84
C VAL A 325 5.97 -26.46 11.42
N VAL A 326 6.54 -25.27 11.23
CA VAL A 326 6.57 -24.68 9.91
C VAL A 326 7.63 -25.30 9.02
N LEU A 327 7.25 -25.55 7.77
CA LEU A 327 8.16 -26.14 6.81
C LEU A 327 8.39 -25.12 5.69
N ALA A 328 9.17 -24.09 6.01
CA ALA A 328 9.49 -23.01 5.06
C ALA A 328 10.38 -23.42 3.90
N ALA A 329 10.35 -22.61 2.85
CA ALA A 329 11.14 -22.88 1.66
C ALA A 329 12.58 -22.41 1.85
N PRO A 330 13.52 -23.04 1.14
CA PRO A 330 14.93 -22.65 1.27
C PRO A 330 15.10 -21.22 0.74
N GLY A 331 15.50 -20.31 1.64
CA GLY A 331 15.68 -18.93 1.25
C GLY A 331 14.87 -18.03 2.15
N TYR A 332 14.00 -18.65 2.94
CA TYR A 332 13.15 -17.92 3.87
C TYR A 332 14.06 -17.41 4.98
N PRO A 333 13.83 -16.19 5.48
CA PRO A 333 12.78 -15.24 5.08
C PRO A 333 13.25 -14.13 4.15
N GLU A 334 14.56 -14.09 3.88
CA GLU A 334 15.12 -13.04 3.02
C GLU A 334 14.70 -13.14 1.55
N SER A 335 15.09 -14.23 0.89
CA SER A 335 14.75 -14.42 -0.51
C SER A 335 14.35 -15.87 -0.78
N PRO A 336 13.12 -16.24 -0.38
CA PRO A 336 12.57 -17.59 -0.55
C PRO A 336 12.53 -18.11 -1.98
N ARG A 337 13.07 -19.32 -2.16
CA ARG A 337 13.08 -19.98 -3.47
C ARG A 337 11.67 -20.51 -3.70
N LYS A 338 11.07 -20.15 -4.84
CA LYS A 338 9.72 -20.58 -5.14
C LYS A 338 9.66 -21.80 -6.05
N GLY A 339 8.44 -22.17 -6.44
CA GLY A 339 8.25 -23.30 -7.34
C GLY A 339 8.48 -24.71 -6.81
N ILE A 340 9.37 -24.86 -5.82
CA ILE A 340 9.68 -26.17 -5.25
C ILE A 340 8.53 -27.16 -5.28
N PRO A 341 8.50 -28.04 -6.29
CA PRO A 341 7.41 -29.02 -6.36
C PRO A 341 7.50 -29.97 -5.17
N LEU A 342 6.42 -30.08 -4.42
CA LEU A 342 6.41 -30.92 -3.24
C LEU A 342 5.18 -31.83 -3.25
N HIS A 343 5.27 -32.90 -2.49
CA HIS A 343 4.19 -33.89 -2.35
C HIS A 343 3.92 -34.05 -0.85
N VAL A 344 2.65 -34.03 -0.46
CA VAL A 344 2.30 -34.20 0.95
C VAL A 344 1.26 -35.29 1.07
N PRO A 345 1.67 -36.46 1.60
CA PRO A 345 0.81 -37.62 1.79
C PRO A 345 -0.16 -37.47 2.95
N GLU A 346 -1.24 -38.24 2.90
CA GLU A 346 -2.24 -38.22 3.95
C GLU A 346 -1.59 -38.42 5.31
N PRO A 347 -1.86 -37.52 6.25
CA PRO A 347 -1.30 -37.62 7.59
C PRO A 347 -2.01 -38.66 8.46
N PRO A 348 -1.26 -39.35 9.33
CA PRO A 348 -1.82 -40.36 10.24
C PRO A 348 -2.66 -39.70 11.30
N GLU A 349 -3.52 -40.47 11.96
CA GLU A 349 -4.34 -39.93 13.02
C GLU A 349 -3.41 -39.18 13.96
N GLY A 350 -3.81 -37.99 14.40
CA GLY A 350 -2.98 -37.22 15.31
C GLY A 350 -2.08 -36.19 14.66
N VAL A 351 -2.16 -36.08 13.34
CA VAL A 351 -1.35 -35.11 12.63
C VAL A 351 -2.19 -34.39 11.59
N LEU A 352 -2.32 -33.08 11.76
CA LEU A 352 -3.07 -32.23 10.85
C LEU A 352 -2.08 -31.50 9.97
N VAL A 353 -2.41 -31.32 8.71
CA VAL A 353 -1.50 -30.63 7.81
C VAL A 353 -2.13 -29.41 7.16
N PHE A 354 -1.62 -28.24 7.51
CA PHE A 354 -2.13 -27.00 6.95
C PHE A 354 -1.17 -26.44 5.90
N HIS A 355 -1.72 -25.73 4.92
CA HIS A 355 -0.89 -25.12 3.89
C HIS A 355 -0.74 -23.64 4.21
N ALA A 356 0.49 -23.13 4.09
CA ALA A 356 0.76 -21.71 4.38
C ALA A 356 1.27 -20.96 3.15
N GLY A 357 1.49 -21.69 2.06
CA GLY A 357 1.99 -21.09 0.84
C GLY A 357 2.16 -22.15 -0.24
N THR A 358 1.04 -22.61 -0.79
CA THR A 358 1.10 -23.65 -1.80
C THR A 358 0.20 -23.34 -2.99
N ARG A 359 0.69 -23.62 -4.20
CA ARG A 359 -0.08 -23.40 -5.42
C ARG A 359 -0.08 -24.62 -6.35
N ARG A 360 -1.06 -24.66 -7.25
CA ARG A 360 -1.19 -25.74 -8.23
C ARG A 360 -0.85 -25.16 -9.60
N GLU A 361 0.25 -25.62 -10.19
CA GLU A 361 0.65 -25.13 -11.51
C GLU A 361 0.07 -26.00 -12.62
N GLY A 362 -1.00 -26.70 -12.30
CA GLY A 362 -1.67 -27.58 -13.24
C GLY A 362 -2.41 -28.65 -12.48
N GLY A 363 -1.76 -29.80 -12.33
CA GLY A 363 -2.35 -30.91 -11.60
C GLY A 363 -1.52 -31.15 -10.36
N ARG A 364 -0.24 -30.78 -10.44
CA ARG A 364 0.69 -30.95 -9.33
C ARG A 364 0.65 -29.76 -8.38
N LEU A 365 1.15 -30.00 -7.17
CA LEU A 365 1.20 -29.00 -6.13
C LEU A 365 2.63 -28.44 -6.02
N VAL A 366 2.75 -27.13 -5.86
CA VAL A 366 4.07 -26.51 -5.73
C VAL A 366 4.12 -25.47 -4.60
N SER A 367 5.33 -25.17 -4.15
CA SER A 367 5.54 -24.19 -3.08
C SER A 367 5.25 -22.79 -3.62
N ALA A 368 4.88 -21.88 -2.72
CA ALA A 368 4.58 -20.50 -3.07
C ALA A 368 4.68 -19.60 -1.84
N GLY A 369 5.78 -18.85 -1.73
CA GLY A 369 5.96 -17.98 -0.59
C GLY A 369 6.99 -18.50 0.40
N GLY A 370 7.27 -17.73 1.44
CA GLY A 370 8.24 -18.13 2.44
C GLY A 370 7.92 -19.44 3.11
N ARG A 371 6.96 -19.41 4.03
CA ARG A 371 6.53 -20.61 4.73
C ARG A 371 5.60 -21.38 3.80
N VAL A 372 5.82 -22.68 3.66
CA VAL A 372 5.01 -23.49 2.74
C VAL A 372 4.00 -24.44 3.36
N LEU A 373 4.47 -25.32 4.24
CA LEU A 373 3.60 -26.28 4.87
C LEU A 373 3.58 -26.19 6.38
N ASN A 374 2.54 -26.77 6.95
CA ASN A 374 2.37 -26.79 8.39
C ASN A 374 2.03 -28.19 8.84
N VAL A 375 2.84 -28.73 9.73
CA VAL A 375 2.55 -30.04 10.28
C VAL A 375 2.18 -29.72 11.72
N VAL A 376 1.03 -30.24 12.17
CA VAL A 376 0.57 -29.96 13.51
C VAL A 376 0.31 -31.23 14.31
N GLY A 377 1.18 -31.48 15.27
CA GLY A 377 1.05 -32.67 16.08
C GLY A 377 -0.06 -32.56 17.10
N LEU A 378 -0.84 -33.62 17.23
CA LEU A 378 -1.94 -33.64 18.17
C LEU A 378 -1.74 -34.80 19.14
N GLY A 379 -1.49 -34.46 20.39
CA GLY A 379 -1.30 -35.48 21.40
C GLY A 379 -2.02 -35.05 22.67
N ARG A 380 -2.13 -35.96 23.63
CA ARG A 380 -2.79 -35.64 24.88
C ARG A 380 -1.67 -35.35 25.83
N ASP A 381 -0.52 -35.08 25.23
CA ASP A 381 0.72 -34.79 25.94
C ASP A 381 1.59 -34.01 24.95
N LEU A 382 2.24 -32.95 25.41
CA LEU A 382 3.07 -32.17 24.50
C LEU A 382 4.05 -33.04 23.72
N LYS A 383 4.78 -33.90 24.42
CA LYS A 383 5.75 -34.77 23.74
C LYS A 383 5.07 -35.55 22.63
N GLU A 384 3.95 -36.18 22.94
CA GLU A 384 3.21 -36.97 21.95
C GLU A 384 2.91 -36.08 20.74
N ALA A 385 2.47 -34.86 21.03
CA ALA A 385 2.17 -33.92 19.97
C ALA A 385 3.43 -33.78 19.14
N LEU A 386 4.52 -33.35 19.77
CA LEU A 386 5.78 -33.15 19.09
C LEU A 386 6.30 -34.38 18.36
N GLU A 387 6.14 -35.55 18.97
CA GLU A 387 6.62 -36.77 18.37
C GLU A 387 5.85 -37.11 17.11
N ARG A 388 4.52 -37.11 17.19
CA ARG A 388 3.70 -37.42 16.03
C ARG A 388 4.07 -36.48 14.90
N ALA A 389 4.17 -35.20 15.23
CA ALA A 389 4.50 -34.17 14.27
C ALA A 389 5.86 -34.36 13.58
N TYR A 390 6.91 -34.62 14.36
CA TYR A 390 8.23 -34.83 13.75
C TYR A 390 8.31 -36.19 13.12
N ALA A 391 7.52 -37.12 13.63
CA ALA A 391 7.50 -38.47 13.09
C ALA A 391 6.90 -38.43 11.70
N TYR A 392 6.22 -37.32 11.40
CA TYR A 392 5.57 -37.16 10.09
C TYR A 392 6.33 -36.33 9.07
N ILE A 393 6.93 -35.23 9.50
CA ILE A 393 7.66 -34.36 8.58
C ILE A 393 8.54 -35.10 7.55
N PRO A 394 9.25 -36.16 7.98
CA PRO A 394 10.11 -36.91 7.06
C PRO A 394 9.33 -37.66 5.98
N GLN A 395 8.01 -37.65 6.04
CA GLN A 395 7.20 -38.32 5.03
C GLN A 395 6.90 -37.32 3.92
N VAL A 396 6.74 -36.06 4.32
CA VAL A 396 6.45 -34.99 3.37
C VAL A 396 7.52 -34.85 2.30
N GLY A 397 7.09 -34.63 1.06
CA GLY A 397 8.03 -34.46 -0.04
C GLY A 397 8.37 -33.01 -0.32
N PHE A 398 9.10 -32.38 0.61
CA PHE A 398 9.51 -30.99 0.48
C PHE A 398 11.04 -30.92 0.50
N PRO A 399 11.68 -31.30 -0.61
CA PRO A 399 13.14 -31.27 -0.70
C PRO A 399 13.73 -29.88 -0.49
N GLY A 400 14.68 -29.79 0.43
CA GLY A 400 15.31 -28.51 0.71
C GLY A 400 14.50 -27.69 1.71
N ALA A 401 13.55 -28.36 2.36
CA ALA A 401 12.70 -27.70 3.33
C ALA A 401 13.44 -27.28 4.60
N VAL A 402 13.31 -26.00 4.92
CA VAL A 402 13.92 -25.40 6.10
C VAL A 402 12.93 -25.55 7.26
N TYR A 403 13.28 -26.33 8.28
CA TYR A 403 12.37 -26.47 9.41
C TYR A 403 13.14 -26.74 10.70
N ARG A 404 12.96 -25.87 11.70
CA ARG A 404 13.65 -26.03 12.97
C ARG A 404 13.28 -27.37 13.52
N ARG A 405 14.13 -27.90 14.39
CA ARG A 405 13.91 -29.21 14.96
C ARG A 405 13.60 -29.16 16.47
N ASP A 406 13.90 -28.02 17.09
CA ASP A 406 13.70 -27.84 18.52
C ASP A 406 12.40 -27.12 18.90
N ILE A 407 11.43 -27.11 18.00
CA ILE A 407 10.15 -26.46 18.30
C ILE A 407 9.54 -27.27 19.42
N GLY A 408 9.29 -26.62 20.55
CA GLY A 408 8.73 -27.30 21.68
C GLY A 408 9.73 -27.54 22.81
N ARG A 409 11.01 -27.44 22.50
CA ARG A 409 12.03 -27.67 23.51
C ARG A 409 11.91 -26.80 24.75
N ARG A 410 11.91 -25.50 24.58
CA ARG A 410 11.78 -24.62 25.75
C ARG A 410 10.55 -24.98 26.59
N ALA A 411 9.46 -25.35 25.92
CA ALA A 411 8.22 -25.72 26.61
C ALA A 411 8.37 -27.01 27.37
N LEU A 412 8.75 -28.08 26.67
CA LEU A 412 8.92 -29.37 27.32
C LEU A 412 9.67 -29.18 28.63
N ALA A 413 10.63 -28.24 28.60
CA ALA A 413 11.42 -27.92 29.78
C ALA A 413 10.59 -27.15 30.81
N ARG A 414 9.29 -27.41 30.85
CA ARG A 414 8.40 -26.72 31.78
C ARG A 414 8.26 -25.24 31.42
N MSE B 1 12.82 37.13 -21.05
CA MSE B 1 11.50 37.30 -21.72
C MSE B 1 10.38 37.19 -20.69
O MSE B 1 10.62 37.06 -19.50
CB MSE B 1 11.32 36.21 -22.77
CG MSE B 1 12.60 35.70 -23.40
SE MSE B 1 12.30 33.97 -24.21
CE MSE B 1 11.97 32.97 -22.60
N LYS B 2 9.15 37.25 -21.18
CA LYS B 2 7.97 37.11 -20.34
C LYS B 2 7.44 35.72 -20.63
N VAL B 3 7.21 34.94 -19.57
CA VAL B 3 6.74 33.58 -19.72
C VAL B 3 5.45 33.33 -18.95
N LEU B 4 4.51 32.67 -19.60
CA LEU B 4 3.21 32.37 -19.01
C LEU B 4 3.03 30.88 -18.70
N VAL B 5 2.47 30.58 -17.52
CA VAL B 5 2.18 29.19 -17.15
C VAL B 5 0.69 29.07 -16.88
N VAL B 6 -0.01 28.26 -17.67
CA VAL B 6 -1.45 28.09 -17.52
C VAL B 6 -1.77 26.96 -16.55
N GLY B 7 -2.71 27.20 -15.65
CA GLY B 7 -3.05 26.19 -14.69
C GLY B 7 -3.07 26.74 -13.28
N SER B 8 -3.46 25.90 -12.32
CA SER B 8 -3.55 26.37 -10.94
C SER B 8 -3.08 25.33 -9.93
N GLY B 9 -2.36 24.31 -10.41
CA GLY B 9 -1.87 23.28 -9.51
C GLY B 9 -0.38 23.27 -9.24
N GLY B 10 0.05 22.23 -8.52
CA GLY B 10 1.45 22.07 -8.18
C GLY B 10 2.30 21.88 -9.42
N ARG B 11 1.71 21.26 -10.44
CA ARG B 11 2.41 21.01 -11.68
C ARG B 11 2.71 22.36 -12.34
N GLU B 12 1.77 23.28 -12.23
CA GLU B 12 1.95 24.58 -12.84
C GLU B 12 2.96 25.35 -12.00
N HIS B 13 2.90 25.15 -10.69
CA HIS B 13 3.81 25.83 -9.78
C HIS B 13 5.26 25.35 -10.00
N ALA B 14 5.46 24.05 -10.19
CA ALA B 14 6.81 23.53 -10.42
C ALA B 14 7.37 24.02 -11.76
N LEU B 15 6.54 24.03 -12.80
CA LEU B 15 6.96 24.50 -14.11
C LEU B 15 7.41 25.94 -14.01
N LEU B 16 6.74 26.70 -13.15
CA LEU B 16 7.07 28.11 -12.92
C LEU B 16 8.44 28.23 -12.30
N TRP B 17 8.60 27.55 -11.19
CA TRP B 17 9.82 27.50 -10.43
C TRP B 17 11.02 27.13 -11.29
N LYS B 18 10.86 26.14 -12.16
CA LYS B 18 11.95 25.70 -13.04
C LYS B 18 12.18 26.66 -14.20
N ALA B 19 11.12 27.32 -14.65
CA ALA B 19 11.24 28.28 -15.74
C ALA B 19 12.02 29.47 -15.21
N ALA B 20 11.81 29.76 -13.93
CA ALA B 20 12.47 30.87 -13.28
C ALA B 20 14.00 30.75 -13.34
N GLN B 21 14.51 29.53 -13.30
CA GLN B 21 15.96 29.30 -13.35
C GLN B 21 16.61 29.81 -14.63
N SER B 22 15.84 29.87 -15.71
CA SER B 22 16.40 30.33 -16.99
C SER B 22 16.79 31.80 -16.93
N PRO B 23 18.07 32.09 -17.14
CA PRO B 23 18.63 33.45 -17.14
C PRO B 23 17.95 34.36 -18.16
N ARG B 24 17.39 33.76 -19.20
CA ARG B 24 16.71 34.51 -20.24
C ARG B 24 15.25 34.79 -19.93
N VAL B 25 14.93 34.86 -18.64
CA VAL B 25 13.56 35.13 -18.19
C VAL B 25 13.50 36.30 -17.22
N LYS B 26 12.71 37.31 -17.58
CA LYS B 26 12.56 38.50 -16.75
C LYS B 26 11.24 38.55 -15.98
N ARG B 27 10.13 38.29 -16.66
CA ARG B 27 8.82 38.34 -15.99
C ARG B 27 8.07 37.05 -16.18
N LEU B 28 7.43 36.60 -15.10
CA LEU B 28 6.65 35.37 -15.12
C LEU B 28 5.21 35.68 -14.75
N TYR B 29 4.26 35.02 -15.40
CA TYR B 29 2.85 35.23 -15.12
C TYR B 29 2.22 33.88 -14.91
N ALA B 30 1.02 33.85 -14.34
CA ALA B 30 0.34 32.59 -14.09
C ALA B 30 -1.16 32.77 -14.19
N ALA B 31 -1.78 32.07 -15.13
CA ALA B 31 -3.23 32.16 -15.30
C ALA B 31 -3.92 30.83 -15.01
N PRO B 32 -4.62 30.73 -13.87
CA PRO B 32 -4.82 31.76 -12.84
C PRO B 32 -3.82 31.65 -11.70
N GLY B 33 -3.09 30.54 -11.66
CA GLY B 33 -2.13 30.34 -10.59
C GLY B 33 -2.80 30.10 -9.25
N ASN B 34 -2.06 30.37 -8.18
CA ASN B 34 -2.56 30.21 -6.82
C ASN B 34 -1.65 30.99 -5.87
N ALA B 35 -2.07 31.13 -4.61
CA ALA B 35 -1.30 31.87 -3.61
C ALA B 35 0.20 31.62 -3.67
N GLY B 36 0.60 30.37 -3.61
CA GLY B 36 2.02 30.06 -3.66
C GLY B 36 2.77 30.63 -4.86
N MSE B 37 2.22 30.43 -6.06
CA MSE B 37 2.85 30.91 -7.29
C MSE B 37 3.02 32.44 -7.34
O MSE B 37 3.78 32.96 -8.17
CB MSE B 37 2.06 30.46 -8.51
CG MSE B 37 2.06 28.97 -8.78
SE MSE B 37 1.29 28.57 -10.50
CE MSE B 37 -0.24 27.55 -9.95
N GLU B 38 2.31 33.13 -6.47
CA GLU B 38 2.38 34.58 -6.46
C GLU B 38 3.75 35.11 -6.08
N ALA B 39 4.53 34.29 -5.37
CA ALA B 39 5.86 34.69 -4.94
C ALA B 39 6.88 34.65 -6.08
N LEU B 40 6.44 34.22 -7.25
CA LEU B 40 7.32 34.13 -8.42
C LEU B 40 6.75 34.86 -9.63
N ALA B 41 5.44 35.05 -9.64
CA ALA B 41 4.85 35.71 -10.79
C ALA B 41 3.49 36.35 -10.56
N GLU B 42 3.08 37.16 -11.53
CA GLU B 42 1.80 37.84 -11.52
C GLU B 42 0.70 36.80 -11.69
N LEU B 43 -0.42 37.01 -11.02
CA LEU B 43 -1.53 36.09 -11.17
C LEU B 43 -2.54 36.73 -12.10
N VAL B 44 -2.79 36.08 -13.25
CA VAL B 44 -3.75 36.58 -14.23
C VAL B 44 -5.05 35.81 -13.99
N PRO B 45 -6.11 36.51 -13.57
CA PRO B 45 -7.42 35.90 -13.30
C PRO B 45 -8.19 35.41 -14.55
N TRP B 46 -7.65 34.37 -15.19
CA TRP B 46 -8.23 33.79 -16.40
C TRP B 46 -9.53 33.05 -16.15
N ASN B 47 -10.46 33.16 -17.10
CA ASN B 47 -11.77 32.54 -16.99
C ASN B 47 -11.91 31.23 -17.77
N GLY B 48 -10.86 30.83 -18.46
CA GLY B 48 -10.93 29.58 -19.22
C GLY B 48 -11.12 29.81 -20.71
N ASP B 49 -11.56 31.01 -21.08
CA ASP B 49 -11.76 31.33 -22.48
C ASP B 49 -10.37 31.47 -23.07
N VAL B 50 -9.94 30.47 -23.84
CA VAL B 50 -8.60 30.51 -24.43
C VAL B 50 -8.34 31.70 -25.36
N GLU B 51 -9.25 31.99 -26.29
CA GLU B 51 -9.03 33.12 -27.18
C GLU B 51 -8.85 34.39 -26.35
N ALA B 52 -9.69 34.55 -25.34
CA ALA B 52 -9.61 35.71 -24.45
C ALA B 52 -8.21 35.82 -23.87
N LEU B 53 -7.67 34.69 -23.42
CA LEU B 53 -6.33 34.65 -22.84
C LEU B 53 -5.28 35.04 -23.89
N ALA B 54 -5.40 34.46 -25.07
CA ALA B 54 -4.47 34.76 -26.15
C ALA B 54 -4.36 36.27 -26.30
N ASP B 55 -5.52 36.91 -26.47
CA ASP B 55 -5.58 38.36 -26.61
C ASP B 55 -4.75 39.06 -25.54
N TRP B 56 -5.09 38.80 -24.28
CA TRP B 56 -4.34 39.39 -23.16
C TRP B 56 -2.84 39.20 -23.35
N ALA B 57 -2.43 37.95 -23.56
CA ALA B 57 -1.01 37.61 -23.74
C ALA B 57 -0.36 38.50 -24.77
N LEU B 58 -1.07 38.74 -25.88
CA LEU B 58 -0.53 39.60 -26.92
C LEU B 58 -0.29 40.99 -26.29
N ALA B 59 -1.35 41.53 -25.72
CA ALA B 59 -1.28 42.82 -25.08
C ALA B 59 -0.03 42.92 -24.21
N GLU B 60 0.13 41.95 -23.31
CA GLU B 60 1.28 41.89 -22.41
C GLU B 60 2.61 41.57 -23.10
N GLY B 61 2.53 41.01 -24.30
CA GLY B 61 3.75 40.64 -25.01
C GLY B 61 4.40 39.45 -24.33
N ILE B 62 3.72 38.30 -24.36
CA ILE B 62 4.23 37.10 -23.74
C ILE B 62 5.08 36.39 -24.80
N ASP B 63 6.29 36.01 -24.42
CA ASP B 63 7.18 35.35 -25.36
C ASP B 63 7.04 33.82 -25.44
N LEU B 64 6.65 33.19 -24.33
CA LEU B 64 6.47 31.74 -24.31
C LEU B 64 5.43 31.37 -23.27
N THR B 65 4.50 30.50 -23.66
CA THR B 65 3.43 30.04 -22.76
C THR B 65 3.56 28.54 -22.50
N LEU B 66 3.57 28.15 -21.22
CA LEU B 66 3.68 26.72 -20.89
C LEU B 66 2.36 26.24 -20.31
N VAL B 67 1.62 25.41 -21.05
CA VAL B 67 0.34 24.90 -20.55
C VAL B 67 0.44 23.67 -19.67
N GLY B 68 -0.06 23.79 -18.45
CA GLY B 68 0.00 22.68 -17.51
C GLY B 68 -1.10 21.64 -17.62
N PRO B 69 -2.37 22.06 -17.54
CA PRO B 69 -3.48 21.11 -17.64
C PRO B 69 -3.74 20.66 -19.06
N GLU B 70 -4.69 19.75 -19.20
CA GLU B 70 -5.06 19.17 -20.47
C GLU B 70 -6.25 19.89 -21.12
N ALA B 71 -7.20 20.32 -20.31
CA ALA B 71 -8.38 20.98 -20.84
C ALA B 71 -8.07 22.16 -21.78
N PRO B 72 -7.23 23.10 -21.34
CA PRO B 72 -6.91 24.23 -22.21
C PRO B 72 -6.40 23.74 -23.55
N LEU B 73 -5.80 22.55 -23.53
CA LEU B 73 -5.25 21.92 -24.74
C LEU B 73 -6.35 21.33 -25.64
N VAL B 74 -7.30 20.62 -25.03
CA VAL B 74 -8.37 20.03 -25.81
C VAL B 74 -9.27 21.14 -26.35
N GLU B 75 -9.28 22.29 -25.68
CA GLU B 75 -10.11 23.41 -26.14
C GLU B 75 -9.29 24.34 -27.02
N GLY B 76 -8.15 23.83 -27.49
CA GLY B 76 -7.32 24.58 -28.41
C GLY B 76 -6.63 25.87 -28.02
N ILE B 77 -6.15 25.96 -26.79
CA ILE B 77 -5.44 27.15 -26.36
C ILE B 77 -4.25 27.36 -27.33
N ALA B 78 -3.59 26.27 -27.70
CA ALA B 78 -2.46 26.33 -28.63
C ALA B 78 -2.88 26.93 -29.96
N ASP B 79 -4.04 26.51 -30.46
CA ASP B 79 -4.51 27.06 -31.72
C ASP B 79 -4.73 28.57 -31.57
N ALA B 80 -5.59 28.96 -30.63
CA ALA B 80 -5.88 30.36 -30.39
C ALA B 80 -4.60 31.20 -30.27
N PHE B 81 -3.63 30.69 -29.52
CA PHE B 81 -2.38 31.40 -29.33
C PHE B 81 -1.62 31.56 -30.65
N GLN B 82 -1.56 30.50 -31.43
CA GLN B 82 -0.87 30.58 -32.69
C GLN B 82 -1.49 31.60 -33.64
N ALA B 83 -2.79 31.78 -33.56
CA ALA B 83 -3.45 32.74 -34.42
C ALA B 83 -2.86 34.12 -34.17
N ARG B 84 -2.55 34.42 -32.90
CA ARG B 84 -1.99 35.71 -32.55
C ARG B 84 -0.48 35.79 -32.71
N GLY B 85 0.10 34.83 -33.43
CA GLY B 85 1.55 34.83 -33.61
C GLY B 85 2.31 34.48 -32.33
N LEU B 86 1.56 34.15 -31.28
CA LEU B 86 2.15 33.79 -30.00
C LEU B 86 2.64 32.34 -29.97
N LEU B 87 3.73 32.12 -29.25
CA LEU B 87 4.36 30.81 -29.11
C LEU B 87 3.93 30.15 -27.79
N LEU B 88 3.65 28.84 -27.83
CA LEU B 88 3.24 28.13 -26.62
C LEU B 88 3.53 26.64 -26.63
N PHE B 89 3.88 26.13 -25.45
CA PHE B 89 4.20 24.71 -25.25
C PHE B 89 2.97 23.86 -25.04
N GLY B 90 2.65 23.02 -26.04
CA GLY B 90 1.48 22.16 -25.92
C GLY B 90 0.89 21.81 -27.27
N PRO B 91 0.33 20.61 -27.43
CA PRO B 91 -0.25 20.18 -28.70
C PRO B 91 -1.57 20.90 -29.02
N THR B 92 -1.91 21.03 -30.31
CA THR B 92 -3.14 21.69 -30.73
C THR B 92 -4.37 20.83 -30.52
N GLN B 93 -5.53 21.46 -30.65
CA GLN B 93 -6.82 20.80 -30.46
C GLN B 93 -6.87 19.46 -31.16
N LYS B 94 -7.01 19.48 -32.48
CA LYS B 94 -7.05 18.25 -33.26
C LYS B 94 -6.10 17.23 -32.67
N ALA B 95 -4.84 17.63 -32.50
CA ALA B 95 -3.80 16.75 -31.97
C ALA B 95 -3.98 16.24 -30.55
N ALA B 96 -4.50 17.08 -29.66
CA ALA B 96 -4.70 16.65 -28.28
C ALA B 96 -5.89 15.72 -28.17
N MSE B 97 -6.87 15.94 -29.04
CA MSE B 97 -8.05 15.11 -29.04
C MSE B 97 -7.70 13.70 -29.49
O MSE B 97 -7.99 12.72 -28.81
CB MSE B 97 -9.11 15.73 -29.93
CG MSE B 97 -9.40 17.18 -29.58
SE MSE B 97 -11.06 17.82 -30.27
CE MSE B 97 -12.16 17.49 -28.72
N ILE B 98 -7.08 13.58 -30.66
CA ILE B 98 -6.72 12.26 -31.19
C ILE B 98 -5.79 11.50 -30.24
N GLU B 99 -4.73 12.16 -29.80
CA GLU B 99 -3.73 11.53 -28.95
C GLU B 99 -4.22 11.03 -27.60
N GLY B 100 -5.26 11.66 -27.07
CA GLY B 100 -5.80 11.22 -25.79
C GLY B 100 -7.03 10.39 -26.03
N SER B 101 -7.41 10.30 -27.30
CA SER B 101 -8.60 9.56 -27.70
C SER B 101 -8.47 8.06 -27.52
N LYS B 102 -9.58 7.42 -27.14
CA LYS B 102 -9.59 5.98 -26.96
C LYS B 102 -9.49 5.29 -28.31
N ALA B 103 -10.34 5.73 -29.23
CA ALA B 103 -10.36 5.17 -30.58
C ALA B 103 -8.95 5.15 -31.16
N PHE B 104 -8.32 6.33 -31.21
CA PHE B 104 -6.96 6.42 -31.74
C PHE B 104 -6.12 5.30 -31.16
N ALA B 105 -6.19 5.15 -29.84
CA ALA B 105 -5.46 4.11 -29.14
C ALA B 105 -5.62 2.78 -29.88
N LYS B 106 -6.88 2.40 -30.15
CA LYS B 106 -7.16 1.16 -30.87
C LYS B 106 -6.39 1.14 -32.18
N GLY B 107 -6.62 2.18 -32.97
CA GLY B 107 -5.95 2.29 -34.25
C GLY B 107 -4.45 2.01 -34.16
N LEU B 108 -3.80 2.52 -33.12
CA LEU B 108 -2.37 2.30 -32.97
C LEU B 108 -2.14 0.81 -32.75
N MSE B 109 -3.04 0.20 -31.99
CA MSE B 109 -2.93 -1.20 -31.69
C MSE B 109 -3.08 -2.02 -32.97
O MSE B 109 -2.20 -2.82 -33.32
CB MSE B 109 -4.00 -1.62 -30.70
CG MSE B 109 -3.96 -3.09 -30.36
SE MSE B 109 -5.41 -3.57 -29.24
CE MSE B 109 -6.75 -3.87 -30.60
N GLU B 110 -4.19 -1.83 -33.66
CA GLU B 110 -4.47 -2.55 -34.90
C GLU B 110 -3.54 -2.14 -36.05
N ARG B 111 -3.10 -0.88 -36.06
CA ARG B 111 -2.21 -0.41 -37.14
C ARG B 111 -0.71 -0.54 -36.88
N TYR B 112 -0.26 -0.37 -35.63
CA TYR B 112 1.17 -0.46 -35.31
C TYR B 112 1.50 -1.52 -34.26
N GLY B 113 0.54 -2.35 -33.92
CA GLY B 113 0.78 -3.40 -32.95
C GLY B 113 1.11 -2.88 -31.56
N ILE B 114 0.72 -1.64 -31.26
CA ILE B 114 0.99 -1.08 -29.95
C ILE B 114 0.41 -1.95 -28.83
N PRO B 115 1.20 -2.21 -27.79
CA PRO B 115 0.70 -3.04 -26.69
C PRO B 115 -0.21 -2.27 -25.74
N THR B 116 -1.49 -2.17 -26.09
CA THR B 116 -2.44 -1.47 -25.25
C THR B 116 -3.21 -2.50 -24.41
N ALA B 117 -3.61 -2.12 -23.20
CA ALA B 117 -4.38 -3.03 -22.36
C ALA B 117 -5.61 -3.35 -23.18
N ARG B 118 -6.07 -4.60 -23.13
CA ARG B 118 -7.22 -4.95 -23.94
C ARG B 118 -8.58 -4.92 -23.23
N TYR B 119 -9.57 -4.44 -23.96
CA TYR B 119 -10.93 -4.33 -23.45
C TYR B 119 -11.89 -4.35 -24.65
N ARG B 120 -13.18 -4.43 -24.38
CA ARG B 120 -14.17 -4.45 -25.46
C ARG B 120 -15.50 -3.85 -24.99
N VAL B 121 -16.28 -3.34 -25.93
CA VAL B 121 -17.54 -2.74 -25.56
C VAL B 121 -18.72 -3.56 -26.05
N PHE B 122 -19.71 -3.71 -25.18
CA PHE B 122 -20.90 -4.50 -25.49
C PHE B 122 -22.15 -3.70 -25.13
N ARG B 123 -23.25 -3.99 -25.81
CA ARG B 123 -24.52 -3.35 -25.55
C ARG B 123 -25.58 -4.44 -25.49
N GLU B 124 -25.12 -5.69 -25.48
CA GLU B 124 -25.97 -6.87 -25.40
C GLU B 124 -25.21 -8.03 -24.75
N PRO B 125 -25.76 -8.55 -23.64
CA PRO B 125 -25.23 -9.65 -22.83
C PRO B 125 -24.78 -10.92 -23.55
N LEU B 126 -25.58 -11.40 -24.50
CA LEU B 126 -25.25 -12.61 -25.24
C LEU B 126 -23.78 -12.67 -25.65
N GLU B 127 -23.19 -11.51 -25.94
CA GLU B 127 -21.79 -11.40 -26.34
C GLU B 127 -20.86 -11.21 -25.16
N ALA B 128 -21.16 -10.19 -24.37
CA ALA B 128 -20.39 -9.86 -23.19
C ALA B 128 -20.09 -11.06 -22.30
N LEU B 129 -21.03 -12.00 -22.24
CA LEU B 129 -20.84 -13.19 -21.41
C LEU B 129 -19.70 -14.05 -21.91
N ALA B 130 -19.74 -14.43 -23.18
CA ALA B 130 -18.70 -15.26 -23.79
C ALA B 130 -17.33 -14.67 -23.52
N TYR B 131 -17.21 -13.36 -23.70
CA TYR B 131 -15.94 -12.66 -23.48
C TYR B 131 -15.49 -12.78 -22.03
N LEU B 132 -16.43 -12.64 -21.11
CA LEU B 132 -16.16 -12.73 -19.68
C LEU B 132 -15.46 -14.03 -19.31
N GLU B 133 -15.92 -15.13 -19.90
CA GLU B 133 -15.31 -16.42 -19.63
C GLU B 133 -13.94 -16.47 -20.27
N GLU B 134 -13.76 -15.62 -21.29
CA GLU B 134 -12.51 -15.55 -22.03
C GLU B 134 -11.38 -14.85 -21.29
N VAL B 135 -11.72 -13.82 -20.52
CA VAL B 135 -10.68 -13.11 -19.79
C VAL B 135 -10.44 -13.69 -18.41
N GLY B 136 -11.49 -14.20 -17.78
CA GLY B 136 -11.33 -14.78 -16.47
C GLY B 136 -11.42 -13.75 -15.36
N VAL B 137 -11.15 -14.16 -14.13
CA VAL B 137 -11.22 -13.25 -13.00
C VAL B 137 -9.85 -13.03 -12.35
N PRO B 138 -9.62 -11.82 -11.81
CA PRO B 138 -10.55 -10.68 -11.77
C PRO B 138 -10.74 -10.07 -13.16
N VAL B 139 -11.85 -9.36 -13.33
CA VAL B 139 -12.16 -8.68 -14.59
C VAL B 139 -12.87 -7.37 -14.22
N VAL B 140 -12.65 -6.32 -14.99
CA VAL B 140 -13.31 -5.05 -14.69
C VAL B 140 -14.52 -4.85 -15.60
N VAL B 141 -15.63 -4.46 -15.00
CA VAL B 141 -16.87 -4.22 -15.73
C VAL B 141 -17.29 -2.79 -15.44
N LYS B 142 -17.23 -1.93 -16.45
CA LYS B 142 -17.57 -0.53 -16.25
C LYS B 142 -18.74 -0.02 -17.09
N ASP B 143 -19.71 0.61 -16.44
CA ASP B 143 -20.84 1.18 -17.16
C ASP B 143 -20.29 2.31 -18.00
N SER B 144 -20.35 2.15 -19.33
CA SER B 144 -19.82 3.16 -20.22
C SER B 144 -20.58 4.49 -20.11
N GLY B 145 -21.89 4.44 -20.31
CA GLY B 145 -22.68 5.65 -20.24
C GLY B 145 -22.71 6.32 -18.87
N LEU B 146 -21.65 6.15 -18.10
CA LEU B 146 -21.56 6.75 -16.78
C LEU B 146 -20.17 7.36 -16.53
N ALA B 147 -20.07 8.14 -15.47
CA ALA B 147 -18.84 8.81 -15.08
C ALA B 147 -17.59 7.96 -15.27
N ALA B 148 -16.48 8.62 -15.58
CA ALA B 148 -15.20 7.93 -15.79
C ALA B 148 -14.53 7.64 -14.47
N GLY B 149 -14.80 6.45 -13.92
CA GLY B 149 -14.22 6.07 -12.65
C GLY B 149 -15.30 5.63 -11.69
N LYS B 150 -16.55 5.68 -12.13
CA LYS B 150 -17.67 5.27 -11.29
C LYS B 150 -18.38 4.12 -12.00
N GLY B 151 -19.25 3.42 -11.28
CA GLY B 151 -19.95 2.30 -11.88
C GLY B 151 -18.90 1.29 -12.28
N VAL B 152 -17.73 1.38 -11.65
CA VAL B 152 -16.59 0.50 -11.91
C VAL B 152 -16.55 -0.70 -10.96
N THR B 153 -16.86 -1.87 -11.50
CA THR B 153 -16.85 -3.09 -10.69
C THR B 153 -15.65 -3.96 -11.02
N VAL B 154 -14.94 -4.35 -9.97
CA VAL B 154 -13.80 -5.24 -10.13
C VAL B 154 -14.32 -6.57 -9.58
N ALA B 155 -14.73 -7.45 -10.49
CA ALA B 155 -15.27 -8.74 -10.10
C ALA B 155 -14.21 -9.78 -9.76
N PHE B 156 -14.63 -10.77 -8.97
CA PHE B 156 -13.76 -11.85 -8.55
C PHE B 156 -14.47 -13.16 -8.89
N ASP B 157 -15.73 -13.01 -9.28
CA ASP B 157 -16.60 -14.12 -9.65
C ASP B 157 -17.15 -13.92 -11.06
N LEU B 158 -17.35 -15.01 -11.78
CA LEU B 158 -17.93 -14.87 -13.09
C LEU B 158 -19.35 -14.41 -12.78
N HIS B 159 -19.88 -14.83 -11.64
CA HIS B 159 -21.22 -14.44 -11.26
C HIS B 159 -21.37 -12.95 -11.00
N GLN B 160 -20.49 -12.40 -10.17
CA GLN B 160 -20.56 -10.98 -9.86
C GLN B 160 -20.32 -10.13 -11.09
N ALA B 161 -19.53 -10.65 -12.02
CA ALA B 161 -19.22 -9.93 -13.26
C ALA B 161 -20.44 -9.95 -14.16
N LYS B 162 -21.07 -11.12 -14.22
CA LYS B 162 -22.28 -11.35 -15.01
C LYS B 162 -23.36 -10.45 -14.40
N GLN B 163 -23.54 -10.55 -13.09
CA GLN B 163 -24.52 -9.71 -12.39
C GLN B 163 -24.17 -8.24 -12.56
N ALA B 164 -22.90 -7.96 -12.88
CA ALA B 164 -22.44 -6.58 -13.05
C ALA B 164 -22.81 -6.00 -14.42
N VAL B 165 -22.64 -6.82 -15.47
CA VAL B 165 -22.97 -6.37 -16.80
C VAL B 165 -24.48 -6.25 -16.92
N ALA B 166 -25.19 -7.21 -16.34
CA ALA B 166 -26.66 -7.26 -16.36
C ALA B 166 -27.31 -6.01 -15.78
N ASN B 167 -26.85 -5.60 -14.60
CA ASN B 167 -27.41 -4.42 -13.95
C ASN B 167 -27.15 -3.15 -14.73
N ILE B 168 -26.81 -3.29 -16.01
CA ILE B 168 -26.55 -2.15 -16.87
C ILE B 168 -27.28 -2.29 -18.20
N LEU B 169 -27.29 -3.51 -18.72
CA LEU B 169 -27.94 -3.82 -20.00
C LEU B 169 -29.39 -4.26 -19.79
N ASN B 170 -29.86 -4.19 -18.55
CA ASN B 170 -31.24 -4.57 -18.22
C ASN B 170 -31.89 -3.44 -17.43
N ARG B 171 -31.21 -2.30 -17.34
CA ARG B 171 -31.71 -1.15 -16.61
C ARG B 171 -33.02 -0.67 -17.21
N ALA B 172 -33.20 0.64 -17.28
CA ALA B 172 -34.41 1.21 -17.85
C ALA B 172 -34.38 1.07 -19.37
N GLU B 173 -33.48 1.80 -20.00
CA GLU B 173 -33.33 1.76 -21.45
C GLU B 173 -31.87 1.62 -21.84
N GLY B 174 -31.15 2.74 -21.77
CA GLY B 174 -29.75 2.73 -22.11
C GLY B 174 -28.97 1.68 -21.34
N GLY B 175 -27.72 1.50 -21.73
CA GLY B 175 -26.87 0.52 -21.07
C GLY B 175 -25.75 0.04 -21.97
N GLU B 176 -24.59 0.68 -21.86
CA GLU B 176 -23.41 0.30 -22.63
C GLU B 176 -22.36 -0.14 -21.64
N VAL B 177 -21.89 -1.38 -21.80
CA VAL B 177 -20.90 -1.93 -20.87
C VAL B 177 -19.51 -2.11 -21.46
N VAL B 178 -18.49 -2.00 -20.62
CA VAL B 178 -17.13 -2.20 -21.07
C VAL B 178 -16.49 -3.23 -20.15
N VAL B 179 -15.82 -4.20 -20.75
CA VAL B 179 -15.16 -5.25 -20.01
C VAL B 179 -13.68 -5.19 -20.36
N GLU B 180 -12.85 -4.92 -19.36
CA GLU B 180 -11.42 -4.86 -19.58
C GLU B 180 -10.68 -5.88 -18.73
N GLU B 181 -9.79 -6.60 -19.38
CA GLU B 181 -8.99 -7.63 -18.72
C GLU B 181 -8.29 -7.01 -17.53
N TYR B 182 -8.24 -7.76 -16.42
CA TYR B 182 -7.55 -7.29 -15.24
C TYR B 182 -6.08 -7.67 -15.35
N LEU B 183 -5.21 -6.66 -15.32
CA LEU B 183 -3.79 -6.88 -15.44
C LEU B 183 -3.06 -6.80 -14.10
N GLU B 184 -2.01 -7.61 -13.98
CA GLU B 184 -1.19 -7.65 -12.77
C GLU B 184 0.13 -6.99 -13.12
N GLY B 185 0.61 -6.14 -12.24
CA GLY B 185 1.89 -5.48 -12.49
C GLY B 185 1.89 -4.04 -12.05
N GLU B 186 3.07 -3.54 -11.69
CA GLU B 186 3.19 -2.16 -11.25
C GLU B 186 2.84 -1.24 -12.40
N GLU B 187 2.23 -0.11 -12.08
CA GLU B 187 1.87 0.87 -13.09
C GLU B 187 2.89 1.99 -13.04
N ALA B 188 3.53 2.24 -14.16
CA ALA B 188 4.54 3.28 -14.24
C ALA B 188 4.08 4.34 -15.22
N THR B 189 4.80 5.46 -15.26
CA THR B 189 4.46 6.54 -16.15
C THR B 189 5.66 6.99 -16.97
N VAL B 190 5.54 6.90 -18.29
CA VAL B 190 6.60 7.35 -19.16
C VAL B 190 6.14 8.66 -19.79
N LEU B 191 6.86 9.72 -19.48
CA LEU B 191 6.55 11.03 -20.03
C LEU B 191 7.66 11.33 -21.02
N ALA B 192 7.30 11.88 -22.17
CA ALA B 192 8.29 12.21 -23.18
C ALA B 192 7.92 13.49 -23.90
N LEU B 193 8.91 14.17 -24.47
CA LEU B 193 8.66 15.40 -25.20
C LEU B 193 8.67 14.98 -26.65
N THR B 194 7.94 15.69 -27.49
CA THR B 194 7.92 15.35 -28.90
C THR B 194 7.95 16.61 -29.77
N ASP B 195 8.96 16.65 -30.64
CA ASP B 195 9.22 17.75 -31.56
C ASP B 195 8.15 17.76 -32.62
N GLY B 196 7.45 16.64 -32.70
CA GLY B 196 6.43 16.45 -33.71
C GLY B 196 7.08 15.45 -34.64
N GLU B 197 8.42 15.43 -34.59
CA GLU B 197 9.23 14.52 -35.38
C GLU B 197 10.03 13.65 -34.43
N THR B 198 10.49 14.25 -33.34
CA THR B 198 11.32 13.56 -32.36
C THR B 198 10.62 13.29 -31.03
N ILE B 199 11.16 12.35 -30.24
CA ILE B 199 10.61 12.02 -28.93
C ILE B 199 11.69 11.58 -27.96
N LEU B 200 11.90 12.37 -26.92
CA LEU B 200 12.91 12.11 -25.90
C LEU B 200 12.22 11.85 -24.56
N PRO B 201 12.13 10.58 -24.14
CA PRO B 201 11.47 10.26 -22.86
C PRO B 201 12.17 10.91 -21.68
N LEU B 202 11.45 11.13 -20.59
CA LEU B 202 12.04 11.72 -19.40
C LEU B 202 12.33 10.57 -18.45
N LEU B 203 12.75 10.88 -17.23
CA LEU B 203 13.01 9.84 -16.26
C LEU B 203 11.67 9.19 -16.04
N PRO B 204 11.61 7.86 -16.17
CA PRO B 204 10.31 7.20 -15.95
C PRO B 204 9.91 7.45 -14.49
N SER B 205 8.65 7.78 -14.24
CA SER B 205 8.21 8.05 -12.86
C SER B 205 7.01 7.21 -12.47
N GLN B 206 6.67 7.20 -11.18
CA GLN B 206 5.54 6.41 -10.73
C GLN B 206 4.57 7.18 -9.86
N ASP B 207 3.33 7.25 -10.32
CA ASP B 207 2.28 7.97 -9.59
C ASP B 207 1.61 7.03 -8.58
N HIS B 208 0.74 7.58 -7.74
CA HIS B 208 0.00 6.81 -6.73
C HIS B 208 -1.46 7.30 -6.80
N LYS B 209 -2.19 6.75 -7.77
CA LYS B 209 -3.57 7.12 -8.03
C LYS B 209 -4.52 7.03 -6.85
N ARG B 210 -4.53 5.86 -6.21
CA ARG B 210 -5.41 5.59 -5.07
C ARG B 210 -5.29 6.58 -3.93
N LEU B 211 -6.41 6.84 -3.27
CA LEU B 211 -6.46 7.81 -2.20
C LEU B 211 -5.62 7.48 -1.02
N LEU B 212 -5.99 6.40 -0.34
CA LEU B 212 -5.35 5.99 0.88
C LEU B 212 -4.19 5.02 0.81
N ASP B 213 -3.52 4.89 1.95
CA ASP B 213 -2.37 4.02 2.13
C ASP B 213 -2.73 2.60 1.76
N GLY B 214 -1.80 1.90 1.14
CA GLY B 214 -2.05 0.53 0.73
C GLY B 214 -2.84 0.50 -0.56
N ASP B 215 -2.77 1.57 -1.34
CA ASP B 215 -3.49 1.64 -2.61
C ASP B 215 -4.97 1.36 -2.40
N GLN B 216 -5.56 2.02 -1.39
CA GLN B 216 -6.96 1.83 -1.09
C GLN B 216 -7.77 3.05 -1.47
N GLY B 217 -9.09 2.95 -1.29
CA GLY B 217 -9.95 4.07 -1.59
C GLY B 217 -10.21 4.34 -3.06
N PRO B 218 -10.78 5.52 -3.36
CA PRO B 218 -11.10 5.95 -4.72
C PRO B 218 -9.91 6.56 -5.44
N MSE B 219 -10.00 6.65 -6.77
CA MSE B 219 -8.94 7.25 -7.57
C MSE B 219 -8.92 8.75 -7.35
O MSE B 219 -9.91 9.34 -6.90
CB MSE B 219 -9.15 6.98 -9.05
CG MSE B 219 -9.06 5.54 -9.42
SE MSE B 219 -9.50 5.38 -11.27
CE MSE B 219 -11.39 4.97 -11.09
N THR B 220 -7.79 9.37 -7.66
CA THR B 220 -7.65 10.81 -7.49
C THR B 220 -6.70 11.24 -8.59
N GLY B 221 -6.42 12.54 -8.68
CA GLY B 221 -5.49 13.01 -9.69
C GLY B 221 -4.11 12.43 -9.47
N GLY B 222 -3.77 12.21 -8.20
CA GLY B 222 -2.47 11.66 -7.85
C GLY B 222 -2.07 12.08 -6.45
N MSE B 223 -1.92 11.11 -5.56
CA MSE B 223 -1.56 11.40 -4.18
C MSE B 223 -0.06 11.58 -3.99
O MSE B 223 0.38 12.02 -2.92
CB MSE B 223 -2.11 10.32 -3.26
CG MSE B 223 -3.62 10.39 -3.08
SE MSE B 223 -4.18 12.15 -2.47
CE MSE B 223 -3.98 11.90 -0.54
N GLY B 224 0.71 11.24 -5.01
CA GLY B 224 2.15 11.37 -4.92
C GLY B 224 2.91 10.73 -6.07
N ALA B 225 4.16 11.15 -6.24
CA ALA B 225 5.00 10.60 -7.31
C ALA B 225 6.45 10.50 -6.89
N VAL B 226 7.18 9.58 -7.51
CA VAL B 226 8.60 9.41 -7.22
C VAL B 226 9.39 9.20 -8.51
N ALA B 227 10.59 9.75 -8.53
CA ALA B 227 11.44 9.58 -9.69
C ALA B 227 12.89 9.72 -9.27
N PRO B 228 13.79 9.00 -9.94
CA PRO B 228 13.35 8.11 -11.02
C PRO B 228 12.71 6.86 -10.46
N TYR B 229 11.89 6.20 -11.28
CA TYR B 229 11.25 4.95 -10.88
C TYR B 229 12.05 3.79 -11.47
N PRO B 230 12.53 2.88 -10.62
CA PRO B 230 13.33 1.69 -11.01
C PRO B 230 12.75 0.87 -12.16
N MSE B 231 13.22 1.14 -13.38
CA MSE B 231 12.74 0.40 -14.53
C MSE B 231 13.88 -0.26 -15.31
O MSE B 231 14.98 0.29 -15.41
CB MSE B 231 11.94 1.33 -15.45
CG MSE B 231 11.34 0.64 -16.66
SE MSE B 231 10.14 1.78 -17.63
CE MSE B 231 11.43 3.06 -18.27
N ASP B 232 13.62 -1.45 -15.82
CA ASP B 232 14.61 -2.22 -16.59
C ASP B 232 14.82 -1.58 -17.96
N GLU B 233 16.01 -1.02 -18.20
CA GLU B 233 16.33 -0.39 -19.47
C GLU B 233 15.82 -1.15 -20.69
N ALA B 234 15.55 -2.44 -20.50
CA ALA B 234 15.02 -3.28 -21.57
C ALA B 234 13.58 -2.86 -21.81
N THR B 235 12.80 -2.82 -20.73
CA THR B 235 11.41 -2.42 -20.82
C THR B 235 11.42 -0.97 -21.31
N LEU B 236 12.34 -0.20 -20.77
CA LEU B 236 12.48 1.20 -21.15
C LEU B 236 12.77 1.23 -22.65
N ARG B 237 13.53 0.24 -23.11
CA ARG B 237 13.86 0.16 -24.52
C ARG B 237 12.61 -0.11 -25.36
N ARG B 238 11.80 -1.07 -24.93
CA ARG B 238 10.57 -1.46 -25.65
C ARG B 238 9.55 -0.33 -25.81
N VAL B 239 9.32 0.44 -24.75
CA VAL B 239 8.35 1.54 -24.75
C VAL B 239 8.72 2.67 -25.72
N GLU B 240 10.00 2.80 -26.02
CA GLU B 240 10.47 3.84 -26.94
C GLU B 240 10.25 3.47 -28.41
N GLU B 241 10.47 2.20 -28.73
CA GLU B 241 10.32 1.72 -30.10
C GLU B 241 8.99 1.03 -30.40
N GLU B 242 8.33 0.51 -29.36
CA GLU B 242 7.06 -0.18 -29.55
C GLU B 242 5.82 0.65 -29.15
N ILE B 243 6.03 1.72 -28.40
CA ILE B 243 4.93 2.58 -27.97
C ILE B 243 5.09 4.02 -28.46
N LEU B 244 6.06 4.73 -27.89
CA LEU B 244 6.31 6.13 -28.25
C LEU B 244 6.53 6.36 -29.74
N GLY B 245 7.53 5.68 -30.31
CA GLY B 245 7.85 5.82 -31.72
C GLY B 245 6.63 5.74 -32.61
N PRO B 246 5.94 4.59 -32.62
CA PRO B 246 4.75 4.45 -33.47
C PRO B 246 3.68 5.50 -33.14
N LEU B 247 3.64 5.95 -31.88
CA LEU B 247 2.64 6.96 -31.50
C LEU B 247 2.82 8.17 -32.41
N VAL B 248 4.04 8.69 -32.43
CA VAL B 248 4.37 9.85 -33.25
C VAL B 248 4.00 9.54 -34.69
N ARG B 249 4.39 8.34 -35.13
CA ARG B 249 4.12 7.89 -36.49
C ARG B 249 2.62 7.99 -36.75
N GLY B 250 1.82 7.20 -36.03
CA GLY B 250 0.39 7.21 -36.20
C GLY B 250 -0.22 8.62 -36.13
N LEU B 251 0.44 9.51 -35.40
CA LEU B 251 -0.03 10.89 -35.26
C LEU B 251 0.24 11.59 -36.57
N ARG B 252 1.47 11.45 -37.07
CA ARG B 252 1.82 12.08 -38.33
C ARG B 252 0.88 11.49 -39.38
N ALA B 253 0.40 10.28 -39.11
CA ALA B 253 -0.50 9.59 -40.01
C ALA B 253 -1.86 10.27 -40.11
N GLU B 254 -2.45 10.61 -38.97
CA GLU B 254 -3.75 11.26 -38.96
C GLU B 254 -3.67 12.68 -39.54
N GLY B 255 -2.50 13.02 -40.07
CA GLY B 255 -2.31 14.33 -40.66
C GLY B 255 -2.22 15.52 -39.70
N VAL B 256 -1.69 15.30 -38.50
CA VAL B 256 -1.58 16.38 -37.53
C VAL B 256 -0.19 16.45 -36.94
N VAL B 257 0.44 17.62 -36.97
CA VAL B 257 1.77 17.79 -36.40
C VAL B 257 1.65 18.01 -34.89
N TYR B 258 1.94 16.99 -34.11
CA TYR B 258 1.81 17.06 -32.67
C TYR B 258 3.12 17.35 -31.96
N ARG B 259 3.27 18.57 -31.44
CA ARG B 259 4.48 18.89 -30.71
C ARG B 259 4.19 19.38 -29.29
N GLY B 260 4.79 18.69 -28.33
CA GLY B 260 4.59 19.04 -26.93
C GLY B 260 4.99 17.88 -26.03
N VAL B 261 4.16 17.58 -25.04
CA VAL B 261 4.44 16.48 -24.11
C VAL B 261 3.52 15.30 -24.36
N VAL B 262 4.04 14.09 -24.16
CA VAL B 262 3.27 12.88 -24.36
C VAL B 262 3.24 12.09 -23.06
N TYR B 263 2.05 11.89 -22.52
CA TYR B 263 1.91 11.15 -21.28
C TYR B 263 1.43 9.74 -21.61
N ALA B 264 2.13 8.76 -21.08
CA ALA B 264 1.77 7.38 -21.31
C ALA B 264 1.63 6.61 -20.01
N GLY B 265 0.38 6.31 -19.64
CA GLY B 265 0.14 5.55 -18.43
C GLY B 265 0.43 4.11 -18.76
N LEU B 266 1.42 3.53 -18.11
CA LEU B 266 1.76 2.16 -18.39
C LEU B 266 1.37 1.13 -17.36
N MSE B 267 1.29 -0.11 -17.85
CA MSE B 267 1.00 -1.26 -17.03
C MSE B 267 2.17 -2.22 -17.33
O MSE B 267 2.32 -2.70 -18.46
CB MSE B 267 -0.33 -1.90 -17.43
CG MSE B 267 -0.73 -3.08 -16.55
SE MSE B 267 -0.90 -2.62 -14.67
CE MSE B 267 -2.81 -2.43 -14.55
N LEU B 268 2.99 -2.44 -16.32
CA LEU B 268 4.16 -3.32 -16.48
C LEU B 268 3.79 -4.76 -16.18
N THR B 269 3.18 -5.43 -17.15
CA THR B 269 2.76 -6.82 -16.97
C THR B 269 3.89 -7.82 -17.19
N ARG B 270 3.62 -9.08 -16.89
CA ARG B 270 4.59 -10.16 -17.06
C ARG B 270 4.96 -10.19 -18.53
N GLU B 271 3.93 -10.04 -19.36
CA GLU B 271 4.04 -10.04 -20.82
C GLU B 271 4.77 -8.82 -21.35
N GLY B 272 4.77 -7.74 -20.58
CA GLY B 272 5.46 -6.54 -21.02
C GLY B 272 4.75 -5.25 -20.66
N PRO B 273 5.25 -4.11 -21.15
CA PRO B 273 4.59 -2.86 -20.83
C PRO B 273 3.33 -2.67 -21.66
N LYS B 274 2.24 -2.31 -20.99
CA LYS B 274 0.97 -2.09 -21.67
C LYS B 274 0.44 -0.68 -21.41
N VAL B 275 0.14 0.02 -22.50
CA VAL B 275 -0.38 1.37 -22.43
C VAL B 275 -1.80 1.40 -21.89
N LEU B 276 -1.96 2.00 -20.72
CA LEU B 276 -3.27 2.13 -20.08
C LEU B 276 -3.96 3.37 -20.64
N GLU B 277 -3.17 4.41 -20.90
CA GLU B 277 -3.70 5.67 -21.44
C GLU B 277 -2.60 6.60 -21.97
N PHE B 278 -2.98 7.44 -22.92
CA PHE B 278 -2.09 8.44 -23.51
C PHE B 278 -2.71 9.80 -23.20
N ASN B 279 -1.90 10.75 -22.74
CA ASN B 279 -2.41 12.09 -22.43
C ASN B 279 -1.50 13.11 -23.11
N ALA B 280 -1.95 14.37 -23.16
CA ALA B 280 -1.18 15.41 -23.84
C ALA B 280 -0.47 16.42 -22.95
N ARG B 281 -0.14 16.04 -21.73
CA ARG B 281 0.52 17.00 -20.86
C ARG B 281 1.27 16.36 -19.71
N PHE B 282 2.15 17.12 -19.06
CA PHE B 282 2.86 16.59 -17.91
C PHE B 282 1.77 16.15 -16.97
N GLY B 283 2.04 15.15 -16.15
CA GLY B 283 1.03 14.70 -15.21
C GLY B 283 1.24 15.31 -13.84
N ASP B 284 0.21 15.22 -13.01
CA ASP B 284 0.30 15.72 -11.65
C ASP B 284 0.10 14.54 -10.70
N PRO B 285 1.04 14.34 -9.76
CA PRO B 285 2.22 15.18 -9.61
C PRO B 285 3.55 14.63 -10.14
N GLU B 286 3.54 13.91 -11.27
CA GLU B 286 4.81 13.42 -11.80
C GLU B 286 5.73 14.60 -12.05
N ALA B 287 5.15 15.71 -12.49
CA ALA B 287 5.93 16.92 -12.79
C ALA B 287 6.67 17.46 -11.56
N GLN B 288 5.98 17.65 -10.45
CA GLN B 288 6.60 18.17 -9.24
C GLN B 288 7.76 17.29 -8.83
N ALA B 289 7.83 16.09 -9.40
CA ALA B 289 8.90 15.17 -9.05
C ALA B 289 10.07 15.17 -10.05
N LEU B 290 9.75 15.22 -11.34
CA LEU B 290 10.78 15.22 -12.38
C LEU B 290 11.49 16.58 -12.56
N LEU B 291 10.72 17.64 -12.75
CA LEU B 291 11.32 18.95 -12.97
C LEU B 291 12.52 19.26 -12.09
N PRO B 292 12.44 18.98 -10.78
CA PRO B 292 13.59 19.28 -9.91
C PRO B 292 14.83 18.42 -10.20
N LEU B 293 14.64 17.32 -10.92
CA LEU B 293 15.75 16.43 -11.27
C LEU B 293 16.23 16.69 -12.69
N LEU B 294 15.67 17.71 -13.35
CA LEU B 294 16.06 18.03 -14.71
C LEU B 294 17.09 19.15 -14.76
N GLU B 295 18.17 18.89 -15.51
CA GLU B 295 19.29 19.81 -15.70
C GLU B 295 18.95 20.97 -16.64
N ASN B 296 18.57 20.61 -17.87
CA ASN B 296 18.20 21.54 -18.93
C ASN B 296 17.33 22.69 -18.49
N ASP B 297 17.45 23.80 -19.21
CA ASP B 297 16.63 24.98 -18.96
C ASP B 297 15.28 24.61 -19.53
N LEU B 298 14.24 24.74 -18.73
CA LEU B 298 12.90 24.41 -19.20
C LEU B 298 12.48 25.27 -20.38
N VAL B 299 12.84 26.54 -20.33
CA VAL B 299 12.50 27.48 -21.39
C VAL B 299 13.10 27.04 -22.71
N GLU B 300 14.39 26.75 -22.70
CA GLU B 300 15.05 26.31 -23.92
C GLU B 300 14.34 25.09 -24.49
N LEU B 301 14.24 24.01 -23.72
CA LEU B 301 13.57 22.80 -24.18
C LEU B 301 12.22 23.10 -24.80
N ALA B 302 11.35 23.79 -24.05
CA ALA B 302 10.03 24.09 -24.56
C ALA B 302 10.17 24.79 -25.91
N LEU B 303 10.95 25.86 -25.94
CA LEU B 303 11.16 26.57 -27.20
C LEU B 303 11.45 25.53 -28.28
N ARG B 304 12.41 24.65 -28.01
CA ARG B 304 12.81 23.58 -28.94
C ARG B 304 11.66 22.74 -29.43
N VAL B 305 10.83 22.29 -28.48
CA VAL B 305 9.68 21.46 -28.81
C VAL B 305 8.66 22.19 -29.67
N ALA B 306 8.28 23.38 -29.25
CA ALA B 306 7.28 24.16 -29.97
C ALA B 306 7.73 24.66 -31.31
N GLU B 307 9.02 24.56 -31.62
CA GLU B 307 9.52 25.06 -32.88
C GLU B 307 10.01 23.99 -33.86
N GLY B 308 9.86 22.73 -33.48
CA GLY B 308 10.30 21.66 -34.36
C GLY B 308 11.81 21.56 -34.48
N ARG B 309 12.53 22.10 -33.50
CA ARG B 309 13.98 22.09 -33.53
C ARG B 309 14.52 21.35 -32.31
N LEU B 310 14.01 20.14 -32.09
CA LEU B 310 14.41 19.33 -30.93
C LEU B 310 15.52 18.32 -31.20
N ALA B 311 15.67 17.94 -32.47
CA ALA B 311 16.68 16.96 -32.87
C ALA B 311 17.97 16.90 -32.04
N GLY B 312 18.86 17.86 -32.25
CA GLY B 312 20.14 17.87 -31.54
C GLY B 312 20.14 17.97 -30.02
N THR B 313 18.97 17.98 -29.40
CA THR B 313 18.87 18.09 -27.96
C THR B 313 19.01 16.73 -27.26
N ARG B 314 19.46 16.78 -26.00
CA ARG B 314 19.63 15.58 -25.18
C ARG B 314 19.36 15.89 -23.71
N LEU B 315 18.43 15.14 -23.11
CA LEU B 315 18.02 15.37 -21.73
C LEU B 315 19.04 14.94 -20.66
N SER B 316 19.36 15.88 -19.77
CA SER B 316 20.32 15.65 -18.68
C SER B 316 19.61 15.70 -17.34
N TRP B 317 19.87 14.73 -16.47
CA TRP B 317 19.24 14.71 -15.16
C TRP B 317 20.23 14.74 -14.01
N LYS B 318 19.90 15.50 -12.95
CA LYS B 318 20.75 15.58 -11.77
C LYS B 318 21.02 14.14 -11.34
N GLU B 319 21.93 13.96 -10.40
CA GLU B 319 22.23 12.62 -9.93
C GLU B 319 21.56 12.38 -8.57
N GLY B 320 20.36 11.81 -8.59
CA GLY B 320 19.65 11.55 -7.35
C GLY B 320 18.18 11.19 -7.52
N ALA B 321 17.40 11.44 -6.47
CA ALA B 321 15.97 11.13 -6.52
C ALA B 321 15.09 12.27 -6.01
N ALA B 322 13.81 12.20 -6.40
CA ALA B 322 12.79 13.17 -6.01
C ALA B 322 11.51 12.42 -5.63
N ALA B 323 10.89 12.79 -4.50
CA ALA B 323 9.65 12.15 -4.08
C ALA B 323 8.65 13.21 -3.65
N CYS B 324 7.48 13.23 -4.30
CA CYS B 324 6.44 14.19 -3.99
C CYS B 324 5.29 13.58 -3.20
N VAL B 325 4.88 14.24 -2.13
CA VAL B 325 3.76 13.75 -1.33
C VAL B 325 2.67 14.80 -1.33
N VAL B 326 1.49 14.44 -1.84
CA VAL B 326 0.38 15.38 -1.88
C VAL B 326 -0.39 15.40 -0.57
N LEU B 327 -0.65 16.60 -0.09
CA LEU B 327 -1.42 16.76 1.13
C LEU B 327 -2.75 17.28 0.63
N ALA B 328 -3.74 16.40 0.59
CA ALA B 328 -5.06 16.79 0.12
C ALA B 328 -5.98 17.26 1.26
N ALA B 329 -6.98 18.03 0.91
CA ALA B 329 -7.92 18.55 1.88
C ALA B 329 -8.94 17.47 2.11
N PRO B 330 -9.44 17.35 3.35
CA PRO B 330 -10.45 16.35 3.69
C PRO B 330 -11.69 16.53 2.81
N GLY B 331 -12.16 15.43 2.22
CA GLY B 331 -13.31 15.48 1.33
C GLY B 331 -12.89 15.07 -0.07
N TYR B 332 -11.62 15.31 -0.38
CA TYR B 332 -11.07 14.95 -1.66
C TYR B 332 -11.06 13.42 -1.76
N PRO B 333 -11.36 12.88 -2.95
CA PRO B 333 -11.70 13.53 -4.22
C PRO B 333 -13.13 14.04 -4.38
N GLU B 334 -14.11 13.21 -4.04
CA GLU B 334 -15.53 13.53 -4.19
C GLU B 334 -16.00 14.94 -3.79
N SER B 335 -15.63 15.42 -2.62
CA SER B 335 -16.04 16.74 -2.17
C SER B 335 -15.10 17.34 -1.13
N PRO B 336 -13.95 17.88 -1.58
CA PRO B 336 -12.96 18.48 -0.67
C PRO B 336 -13.46 19.68 0.14
N ARG B 337 -12.89 19.84 1.33
CA ARG B 337 -13.25 20.92 2.23
C ARG B 337 -12.47 22.18 1.88
N LYS B 338 -13.17 23.19 1.38
CA LYS B 338 -12.54 24.45 0.99
C LYS B 338 -12.50 25.47 2.11
N GLY B 339 -11.37 26.12 2.28
CA GLY B 339 -11.23 27.14 3.30
C GLY B 339 -10.33 26.79 4.47
N ILE B 340 -9.71 25.61 4.42
CA ILE B 340 -8.83 25.17 5.49
C ILE B 340 -7.65 26.11 5.67
N PRO B 341 -7.59 26.83 6.80
CA PRO B 341 -6.47 27.75 7.01
C PRO B 341 -5.16 26.99 7.11
N LEU B 342 -4.28 27.22 6.14
CA LEU B 342 -2.98 26.56 6.10
C LEU B 342 -1.88 27.41 6.75
N HIS B 343 -0.74 26.79 6.94
CA HIS B 343 0.43 27.46 7.47
C HIS B 343 1.61 26.59 7.10
N VAL B 344 2.32 27.01 6.06
CA VAL B 344 3.48 26.27 5.59
C VAL B 344 4.78 27.01 5.90
N PRO B 345 5.59 26.42 6.81
CA PRO B 345 6.88 26.94 7.26
C PRO B 345 8.07 26.74 6.32
N GLU B 346 8.83 27.80 6.11
CA GLU B 346 10.00 27.75 5.25
C GLU B 346 10.64 26.37 5.37
N PRO B 347 10.71 25.62 4.27
CA PRO B 347 11.30 24.28 4.25
C PRO B 347 12.82 24.26 4.24
N PRO B 348 13.42 23.19 4.76
CA PRO B 348 14.87 23.00 4.82
C PRO B 348 15.46 22.71 3.44
N GLU B 349 16.76 22.95 3.31
CA GLU B 349 17.48 22.75 2.06
C GLU B 349 17.04 21.63 1.11
N GLY B 350 17.08 20.39 1.56
CA GLY B 350 16.71 19.29 0.70
C GLY B 350 15.22 19.05 0.46
N VAL B 351 14.38 19.99 0.86
CA VAL B 351 12.94 19.85 0.70
C VAL B 351 12.33 21.02 -0.04
N LEU B 352 11.42 20.71 -0.96
CA LEU B 352 10.72 21.72 -1.76
C LEU B 352 9.24 21.69 -1.40
N VAL B 353 8.57 22.82 -1.60
CA VAL B 353 7.13 22.94 -1.31
C VAL B 353 6.40 23.65 -2.45
N PHE B 354 5.51 22.94 -3.13
CA PHE B 354 4.72 23.56 -4.20
C PHE B 354 3.26 23.63 -3.76
N HIS B 355 2.53 24.65 -4.20
CA HIS B 355 1.13 24.74 -3.85
C HIS B 355 0.25 24.15 -4.94
N ALA B 356 -0.67 23.26 -4.55
CA ALA B 356 -1.57 22.63 -5.51
C ALA B 356 -2.89 23.37 -5.53
N GLY B 357 -3.24 24.01 -4.41
CA GLY B 357 -4.48 24.76 -4.33
C GLY B 357 -4.52 25.58 -3.05
N THR B 358 -4.21 26.87 -3.16
CA THR B 358 -4.20 27.74 -1.99
C THR B 358 -4.65 29.12 -2.40
N ARG B 359 -5.28 29.83 -1.48
CA ARG B 359 -5.81 31.16 -1.75
C ARG B 359 -5.12 32.09 -0.78
N ARG B 360 -4.98 33.36 -1.12
CA ARG B 360 -4.34 34.29 -0.21
C ARG B 360 -5.38 35.18 0.47
N GLU B 361 -6.49 34.57 0.94
CA GLU B 361 -7.55 35.32 1.61
C GLU B 361 -6.98 36.17 2.74
N GLY B 362 -6.86 37.47 2.48
CA GLY B 362 -6.30 38.35 3.47
C GLY B 362 -4.78 38.25 3.41
N GLY B 363 -4.17 38.02 4.56
CA GLY B 363 -2.72 37.89 4.59
C GLY B 363 -2.36 36.45 4.90
N ARG B 364 -3.40 35.65 5.17
CA ARG B 364 -3.23 34.24 5.51
C ARG B 364 -3.37 33.33 4.29
N LEU B 365 -2.77 32.15 4.39
CA LEU B 365 -2.83 31.17 3.31
C LEU B 365 -3.94 30.17 3.64
N VAL B 366 -4.97 30.08 2.78
CA VAL B 366 -6.07 29.15 3.00
C VAL B 366 -6.19 28.14 1.87
N SER B 367 -6.72 26.96 2.16
CA SER B 367 -6.88 25.94 1.11
C SER B 367 -7.81 26.44 0.00
N ALA B 368 -7.78 25.77 -1.13
CA ALA B 368 -8.61 26.13 -2.25
C ALA B 368 -8.70 24.97 -3.23
N GLY B 369 -9.18 23.83 -2.75
CA GLY B 369 -9.30 22.68 -3.62
C GLY B 369 -8.94 21.33 -3.03
N GLY B 370 -9.22 20.29 -3.80
CA GLY B 370 -8.93 18.92 -3.39
C GLY B 370 -7.49 18.70 -2.98
N ARG B 371 -6.57 18.85 -3.93
CA ARG B 371 -5.16 18.71 -3.62
C ARG B 371 -4.68 20.12 -3.27
N VAL B 372 -4.17 20.30 -2.05
CA VAL B 372 -3.72 21.60 -1.57
C VAL B 372 -2.21 21.88 -1.58
N LEU B 373 -1.42 20.98 -1.01
CA LEU B 373 0.04 21.18 -0.97
C LEU B 373 0.88 20.01 -1.46
N ASN B 374 2.07 20.35 -1.95
CA ASN B 374 3.03 19.39 -2.47
C ASN B 374 4.34 19.54 -1.71
N VAL B 375 4.72 18.50 -1.00
CA VAL B 375 5.98 18.53 -0.28
C VAL B 375 6.79 17.59 -1.17
N VAL B 376 7.97 18.04 -1.59
CA VAL B 376 8.81 17.23 -2.48
C VAL B 376 10.20 17.06 -1.91
N GLY B 377 10.51 15.85 -1.46
CA GLY B 377 11.81 15.57 -0.90
C GLY B 377 12.86 15.24 -1.95
N LEU B 378 14.10 15.66 -1.67
CA LEU B 378 15.20 15.41 -2.58
C LEU B 378 16.30 14.70 -1.82
N GLY B 379 17.13 13.92 -2.51
CA GLY B 379 18.20 13.22 -1.83
C GLY B 379 19.06 12.30 -2.67
N ARG B 380 20.03 11.67 -2.02
CA ARG B 380 20.95 10.73 -2.67
C ARG B 380 20.19 9.68 -3.46
N ASP B 381 19.19 9.09 -2.79
CA ASP B 381 18.33 8.06 -3.37
C ASP B 381 16.88 8.31 -2.98
N LEU B 382 16.02 7.32 -3.19
CA LEU B 382 14.61 7.47 -2.82
C LEU B 382 14.50 7.47 -1.31
N LYS B 383 15.30 6.62 -0.67
CA LYS B 383 15.26 6.55 0.78
C LYS B 383 15.44 7.95 1.34
N GLU B 384 16.53 8.59 0.98
CA GLU B 384 16.83 9.93 1.47
C GLU B 384 15.71 10.92 1.16
N ALA B 385 15.27 10.91 -0.09
CA ALA B 385 14.21 11.81 -0.57
C ALA B 385 12.93 11.67 0.22
N LEU B 386 12.43 10.44 0.32
CA LEU B 386 11.20 10.18 1.06
C LEU B 386 11.36 10.61 2.50
N GLU B 387 12.47 10.24 3.12
CA GLU B 387 12.73 10.60 4.50
C GLU B 387 12.60 12.11 4.70
N ARG B 388 13.30 12.89 3.86
CA ARG B 388 13.25 14.35 3.97
C ARG B 388 11.84 14.92 3.86
N ALA B 389 11.01 14.27 3.03
CA ALA B 389 9.64 14.73 2.82
C ALA B 389 8.75 14.45 4.02
N TYR B 390 8.80 13.21 4.50
CA TYR B 390 7.98 12.83 5.66
C TYR B 390 8.50 13.51 6.90
N ALA B 391 9.74 13.96 6.84
CA ALA B 391 10.37 14.65 7.96
C ALA B 391 9.78 16.03 8.09
N TYR B 392 9.37 16.59 6.96
CA TYR B 392 8.81 17.93 6.90
C TYR B 392 7.27 18.05 7.01
N ILE B 393 6.55 17.08 6.46
CA ILE B 393 5.08 17.11 6.51
C ILE B 393 4.45 17.48 7.87
N PRO B 394 4.93 16.88 8.96
CA PRO B 394 4.37 17.18 10.29
C PRO B 394 4.52 18.61 10.79
N GLN B 395 5.45 19.36 10.20
CA GLN B 395 5.67 20.75 10.61
C GLN B 395 4.75 21.71 9.88
N VAL B 396 3.88 21.19 9.03
CA VAL B 396 2.95 22.02 8.28
C VAL B 396 1.66 22.19 9.08
N GLY B 397 1.04 23.37 8.99
CA GLY B 397 -0.19 23.63 9.71
C GLY B 397 -1.39 23.45 8.81
N PHE B 398 -1.78 22.20 8.60
CA PHE B 398 -2.90 21.86 7.71
C PHE B 398 -3.89 20.93 8.40
N PRO B 399 -4.78 21.50 9.24
CA PRO B 399 -5.77 20.70 9.95
C PRO B 399 -6.66 19.84 9.03
N GLY B 400 -6.58 18.52 9.21
CA GLY B 400 -7.37 17.61 8.42
C GLY B 400 -6.61 17.00 7.26
N ALA B 401 -5.49 17.64 6.90
CA ALA B 401 -4.66 17.19 5.80
C ALA B 401 -4.63 15.69 5.61
N VAL B 402 -5.13 15.26 4.45
CA VAL B 402 -5.14 13.84 4.10
C VAL B 402 -3.91 13.60 3.23
N TYR B 403 -3.15 12.56 3.56
CA TYR B 403 -1.95 12.27 2.78
C TYR B 403 -1.47 10.85 3.02
N ARG B 404 -1.02 10.21 1.95
CA ARG B 404 -0.53 8.83 2.04
C ARG B 404 0.86 8.81 2.62
N ARG B 405 1.05 7.87 3.55
CA ARG B 405 2.35 7.71 4.18
C ARG B 405 3.17 6.62 3.46
N ASP B 406 2.52 5.88 2.58
CA ASP B 406 3.21 4.82 1.86
C ASP B 406 3.70 5.25 0.47
N ILE B 407 3.85 6.55 0.23
CA ILE B 407 4.35 7.02 -1.07
C ILE B 407 5.77 6.54 -1.34
N GLY B 408 5.96 5.82 -2.44
CA GLY B 408 7.29 5.32 -2.78
C GLY B 408 7.55 3.94 -2.21
N ARG B 409 6.62 3.44 -1.40
CA ARG B 409 6.76 2.13 -0.80
C ARG B 409 7.03 1.12 -1.89
N ARG B 410 6.13 1.07 -2.87
CA ARG B 410 6.23 0.15 -4.00
C ARG B 410 7.59 0.22 -4.74
N ALA B 411 8.00 1.41 -5.16
CA ALA B 411 9.26 1.56 -5.90
C ALA B 411 10.51 1.24 -5.08
N LEU B 412 10.40 1.45 -3.76
CA LEU B 412 11.51 1.19 -2.83
C LEU B 412 11.84 -0.30 -2.88
N ALA B 413 10.81 -1.13 -3.07
CA ALA B 413 11.00 -2.56 -3.17
C ALA B 413 11.30 -2.90 -4.63
N ARG B 414 11.78 -1.91 -5.37
CA ARG B 414 12.10 -2.07 -6.79
C ARG B 414 10.84 -2.13 -7.64
S SO4 C . 0.82 -11.00 9.80
O1 SO4 C . 0.65 -12.47 9.95
O2 SO4 C . 0.65 -10.62 8.38
O3 SO4 C . -0.21 -10.31 10.59
O4 SO4 C . 2.17 -10.61 10.27
S SO4 D . 5.19 -15.75 4.56
O1 SO4 D . 5.23 -17.16 4.12
O2 SO4 D . 5.32 -14.89 3.38
O3 SO4 D . 3.90 -15.49 5.24
O4 SO4 D . 6.28 -15.49 5.51
S SO4 E . -7.51 18.83 -7.87
O1 SO4 E . -8.42 20.00 -7.77
O2 SO4 E . -7.09 18.60 -9.26
O3 SO4 E . -6.31 19.08 -7.05
O4 SO4 E . -8.23 17.65 -7.36
S SO4 F . -5.18 17.21 -15.83
O1 SO4 F . -4.32 17.19 -14.63
O2 SO4 F . -6.28 18.18 -15.66
O3 SO4 F . -4.39 17.61 -17.01
O4 SO4 F . -5.74 15.87 -16.07
#